data_2AEG
#
_entry.id   2AEG
#
_cell.length_a   195.926
_cell.length_b   73.994
_cell.length_c   65.566
_cell.angle_alpha   90.00
_cell.angle_beta   106.21
_cell.angle_gamma   90.00
#
_symmetry.space_group_name_H-M   'C 1 2 1'
#
loop_
_entity.id
_entity.type
_entity.pdbx_description
1 polymer 'hypothetical protein AGR_pAT_140'
2 water water
#
_entity_poly.entity_id   1
_entity_poly.type   'polypeptide(L)'
_entity_poly.pdbx_seq_one_letter_code
;(MSE)CNLYR(MSE)EDKDWVSKWAQDAESLINL(MSE)PAYQ(MSE)NPDQ(MSE)GPIVRNTADGKKQLVHARWGLPS
PIFVQKKAAEARADKLKAKGKAFDINELIR(MSE)EPDRGVTNVRKLNLPHWTRWFGVEHRCLVPVTSFAEPDPASKQEG
GNVPNAWFARDEAKSL(MSE)FFAGIHVPQWKSVRKVRDGLTTDDLYGFLTTDPNDLVKPIHEKA(MSE)PVLLLTREET
EIW(MSE)RAPWDEAKHLARPLPNDALIILSREPYGSSIVSKSGESEEQGRLLAAALEHHHHHH
;
_entity_poly.pdbx_strand_id   A,B,C
#
# COMPACT_ATOMS: atom_id res chain seq x y z
N CYS A 2 15.93 -14.55 25.88
CA CYS A 2 15.29 -13.21 25.74
C CYS A 2 14.66 -12.95 24.37
N ASN A 3 13.74 -11.99 24.30
CA ASN A 3 13.08 -11.65 23.04
C ASN A 3 13.26 -10.17 22.71
N LEU A 4 14.27 -9.56 23.32
CA LEU A 4 14.58 -8.15 23.11
C LEU A 4 15.99 -7.83 23.56
N TYR A 5 16.77 -7.19 22.67
CA TYR A 5 18.13 -6.78 23.04
C TYR A 5 18.58 -5.63 22.15
N ARG A 6 19.74 -5.07 22.49
CA ARG A 6 20.30 -3.96 21.74
C ARG A 6 21.75 -4.20 21.33
N MSE A 7 22.16 -3.53 20.27
CA MSE A 7 23.50 -3.63 19.73
C MSE A 7 23.90 -2.20 19.40
O MSE A 7 23.42 -1.64 18.42
CB MSE A 7 23.49 -4.47 18.45
CG MSE A 7 24.70 -5.35 18.24
SE MSE A 7 26.38 -4.46 18.47
CE MSE A 7 26.64 -3.84 16.66
N GLU A 8 24.75 -1.61 20.23
CA GLU A 8 25.15 -0.22 20.06
C GLU A 8 26.65 0.02 19.85
N ASP A 9 27.40 -1.03 19.56
CA ASP A 9 28.83 -0.88 19.35
C ASP A 9 29.08 -0.43 17.90
N LYS A 10 29.67 0.75 17.75
CA LYS A 10 29.93 1.33 16.44
C LYS A 10 31.22 0.83 15.79
N ASP A 11 32.17 0.38 16.60
CA ASP A 11 33.42 -0.11 16.07
C ASP A 11 33.81 -1.46 16.66
N TRP A 12 33.36 -2.53 16.00
CA TRP A 12 33.63 -3.88 16.44
C TRP A 12 34.07 -4.80 15.31
N VAL A 13 33.46 -4.61 14.13
CA VAL A 13 33.75 -5.43 12.97
C VAL A 13 35.23 -5.61 12.71
N SER A 14 36.00 -4.53 12.86
CA SER A 14 37.43 -4.58 12.63
C SER A 14 38.18 -5.56 13.51
N LYS A 15 37.81 -5.67 14.77
CA LYS A 15 38.51 -6.57 15.68
C LYS A 15 37.85 -7.91 15.93
N TRP A 16 36.56 -8.03 15.62
CA TRP A 16 35.89 -9.30 15.86
C TRP A 16 35.56 -10.08 14.60
N ALA A 17 35.34 -9.38 13.49
CA ALA A 17 35.03 -10.03 12.23
C ALA A 17 35.72 -9.34 11.05
N GLN A 18 37.04 -9.28 11.10
CA GLN A 18 37.80 -8.64 10.03
C GLN A 18 38.00 -9.60 8.86
N ASP A 19 38.01 -10.90 9.18
CA ASP A 19 38.18 -11.95 8.19
C ASP A 19 36.82 -12.43 7.68
N ALA A 20 35.77 -11.72 8.05
CA ALA A 20 34.42 -12.08 7.61
C ALA A 20 34.04 -11.32 6.35
N GLU A 21 33.30 -11.99 5.47
CA GLU A 21 32.87 -11.37 4.23
C GLU A 21 31.69 -10.44 4.50
N SER A 22 31.97 -9.15 4.53
CA SER A 22 30.94 -8.15 4.78
C SER A 22 30.26 -7.74 3.49
N LEU A 23 28.93 -7.79 3.48
CA LEU A 23 28.17 -7.41 2.30
C LEU A 23 26.87 -6.73 2.69
N ILE A 24 26.87 -6.09 3.86
CA ILE A 24 25.67 -5.39 4.32
C ILE A 24 26.02 -4.02 4.85
N ASN A 25 25.02 -3.15 4.91
CA ASN A 25 25.21 -1.79 5.43
C ASN A 25 24.84 -1.80 6.93
N LEU A 26 25.87 -2.01 7.74
CA LEU A 26 25.72 -2.07 9.19
C LEU A 26 25.13 -0.78 9.77
N MSE A 27 24.00 -0.90 10.46
CA MSE A 27 23.36 0.26 11.06
C MSE A 27 24.15 0.63 12.32
O MSE A 27 24.77 -0.23 12.94
CB MSE A 27 21.91 -0.06 11.42
CG MSE A 27 20.94 1.06 11.12
SE MSE A 27 20.67 1.31 9.22
CE MSE A 27 18.81 0.76 9.11
N PRO A 28 24.13 1.91 12.72
CA PRO A 28 24.87 2.32 13.92
C PRO A 28 24.34 1.70 15.20
N ALA A 29 23.02 1.66 15.34
CA ALA A 29 22.38 1.09 16.54
C ALA A 29 21.29 0.08 16.18
N TYR A 30 21.00 -0.82 17.10
CA TYR A 30 19.97 -1.83 16.86
C TYR A 30 19.17 -2.15 18.09
N GLN A 31 17.86 -2.21 17.93
CA GLN A 31 16.98 -2.60 19.01
C GLN A 31 16.17 -3.76 18.43
N MSE A 32 16.68 -4.97 18.64
CA MSE A 32 16.07 -6.18 18.11
C MSE A 32 14.83 -6.74 18.79
O MSE A 32 14.76 -6.83 20.02
CB MSE A 32 17.12 -7.31 18.03
CG MSE A 32 18.30 -7.00 17.13
SE MSE A 32 17.74 -6.45 15.35
CE MSE A 32 16.87 -8.12 14.80
N ASN A 33 13.88 -7.14 17.95
CA ASN A 33 12.61 -7.74 18.35
C ASN A 33 12.38 -8.95 17.43
N PRO A 34 11.52 -9.88 17.84
CA PRO A 34 11.25 -11.07 17.02
C PRO A 34 10.98 -10.77 15.53
N ASP A 35 11.48 -11.66 14.67
CA ASP A 35 11.32 -11.58 13.22
C ASP A 35 11.94 -10.38 12.50
N GLN A 36 12.67 -9.53 13.23
CA GLN A 36 13.29 -8.37 12.59
C GLN A 36 14.67 -8.73 12.06
N MSE A 37 15.22 -7.89 11.20
CA MSE A 37 16.54 -8.13 10.65
C MSE A 37 17.62 -7.66 11.62
O MSE A 37 17.61 -6.50 12.06
CB MSE A 37 16.71 -7.40 9.32
CG MSE A 37 15.76 -7.85 8.22
SE MSE A 37 16.10 -9.66 7.68
CE MSE A 37 17.63 -9.36 6.55
N GLY A 38 18.54 -8.55 11.97
CA GLY A 38 19.61 -8.21 12.88
C GLY A 38 20.95 -8.67 12.34
N PRO A 39 22.06 -7.99 12.70
CA PRO A 39 23.43 -8.30 12.26
C PRO A 39 24.00 -9.55 12.94
N ILE A 40 24.65 -10.42 12.15
CA ILE A 40 25.24 -11.65 12.67
C ILE A 40 26.44 -12.06 11.82
N VAL A 41 27.37 -12.78 12.46
CA VAL A 41 28.55 -13.30 11.77
C VAL A 41 28.33 -14.80 11.75
N ARG A 42 27.94 -15.30 10.58
CA ARG A 42 27.63 -16.72 10.41
C ARG A 42 28.72 -17.45 9.64
N ASN A 43 28.80 -18.76 9.85
CA ASN A 43 29.77 -19.58 9.13
C ASN A 43 29.11 -20.02 7.83
N THR A 44 29.95 -20.42 6.87
CA THR A 44 29.44 -20.86 5.59
C THR A 44 29.87 -22.30 5.30
N ALA A 45 29.06 -22.99 4.51
CA ALA A 45 29.35 -24.37 4.13
C ALA A 45 30.70 -24.40 3.41
N ASP A 46 31.16 -23.22 3.00
CA ASP A 46 32.45 -23.09 2.31
C ASP A 46 33.59 -22.99 3.32
N GLY A 47 33.25 -23.03 4.61
CA GLY A 47 34.28 -22.94 5.64
C GLY A 47 34.75 -21.52 5.85
N LYS A 48 33.93 -20.57 5.38
CA LYS A 48 34.25 -19.16 5.51
C LYS A 48 33.25 -18.47 6.43
N LYS A 49 33.45 -17.18 6.68
CA LYS A 49 32.58 -16.41 7.56
C LYS A 49 31.96 -15.23 6.82
N GLN A 50 30.74 -14.88 7.18
CA GLN A 50 30.05 -13.76 6.56
C GLN A 50 29.32 -12.91 7.58
N LEU A 51 29.43 -11.59 7.42
CA LEU A 51 28.76 -10.64 8.30
C LEU A 51 27.53 -10.18 7.53
N VAL A 52 26.35 -10.73 7.87
CA VAL A 52 25.12 -10.37 7.16
C VAL A 52 23.94 -10.09 8.09
N HIS A 53 22.80 -9.78 7.47
CA HIS A 53 21.56 -9.51 8.19
C HIS A 53 20.68 -10.76 8.06
N ALA A 54 20.01 -11.14 9.15
CA ALA A 54 19.16 -12.32 9.11
C ALA A 54 17.90 -12.04 9.90
N ARG A 55 16.88 -12.85 9.67
CA ARG A 55 15.62 -12.68 10.34
C ARG A 55 15.66 -13.43 11.67
N TRP A 56 15.47 -12.72 12.77
CA TRP A 56 15.52 -13.33 14.11
C TRP A 56 14.34 -14.25 14.36
N GLY A 57 14.58 -15.54 14.20
CA GLY A 57 13.53 -16.51 14.43
C GLY A 57 13.77 -17.75 13.62
N LEU A 58 14.19 -18.82 14.28
CA LEU A 58 14.46 -20.06 13.59
C LEU A 58 13.15 -20.75 13.25
N PRO A 59 13.21 -21.76 12.36
CA PRO A 59 12.01 -22.50 11.95
C PRO A 59 11.37 -23.17 13.15
N SER A 60 10.06 -23.23 13.18
CA SER A 60 9.36 -23.87 14.29
C SER A 60 9.35 -25.38 14.06
N PRO A 61 9.24 -26.16 15.15
CA PRO A 61 9.21 -27.62 15.02
C PRO A 61 8.10 -28.01 14.06
N ILE A 62 8.32 -29.08 13.30
CA ILE A 62 7.33 -29.53 12.32
C ILE A 62 5.98 -29.89 12.93
N PHE A 63 5.98 -30.31 14.20
CA PHE A 63 4.73 -30.69 14.85
C PHE A 63 4.02 -29.46 15.42
N VAL A 64 4.77 -28.46 15.82
CA VAL A 64 4.17 -27.23 16.35
C VAL A 64 3.43 -26.53 15.22
N GLN A 65 3.99 -26.61 14.02
CA GLN A 65 3.41 -25.99 12.84
C GLN A 65 2.16 -26.74 12.38
N LYS A 66 2.25 -28.06 12.30
CA LYS A 66 1.13 -28.88 11.86
C LYS A 66 -0.06 -28.71 12.80
N LYS A 67 0.24 -28.51 14.08
CA LYS A 67 -0.81 -28.32 15.07
C LYS A 67 -1.59 -27.06 14.75
N ALA A 68 -0.90 -26.07 14.20
CA ALA A 68 -1.54 -24.80 13.84
C ALA A 68 -2.37 -24.97 12.58
N ALA A 69 -1.86 -25.75 11.64
CA ALA A 69 -2.54 -26.02 10.39
C ALA A 69 -3.81 -26.84 10.63
N GLU A 70 -3.74 -27.78 11.57
CA GLU A 70 -4.89 -28.60 11.90
C GLU A 70 -5.97 -27.75 12.56
N ALA A 71 -5.57 -26.96 13.55
CA ALA A 71 -6.51 -26.08 14.25
C ALA A 71 -7.23 -25.19 13.26
N ARG A 72 -6.50 -24.78 12.22
CA ARG A 72 -7.05 -23.94 11.16
C ARG A 72 -8.02 -24.77 10.31
N ALA A 73 -7.66 -26.02 10.09
CA ALA A 73 -8.49 -26.92 9.29
C ALA A 73 -9.80 -27.22 9.99
N ASP A 74 -9.81 -27.19 11.32
CA ASP A 74 -11.04 -27.47 12.05
C ASP A 74 -12.03 -26.33 11.92
N LYS A 75 -11.54 -25.10 11.93
CA LYS A 75 -12.41 -23.95 11.80
C LYS A 75 -12.74 -23.73 10.33
N LEU A 76 -12.22 -24.60 9.48
CA LEU A 76 -12.50 -24.50 8.05
C LEU A 76 -13.54 -25.56 7.71
N LYS A 77 -13.40 -26.72 8.34
CA LYS A 77 -14.33 -27.83 8.09
C LYS A 77 -15.68 -27.50 8.73
N ALA A 78 -15.63 -26.98 9.96
CA ALA A 78 -16.84 -26.60 10.68
C ALA A 78 -17.54 -25.45 9.97
N LYS A 79 -16.73 -24.63 9.30
CA LYS A 79 -17.23 -23.47 8.55
C LYS A 79 -17.79 -23.96 7.21
N GLY A 80 -17.51 -25.21 6.89
CA GLY A 80 -17.98 -25.79 5.64
C GLY A 80 -17.14 -25.34 4.45
N LYS A 81 -15.84 -25.64 4.51
CA LYS A 81 -14.90 -25.26 3.46
C LYS A 81 -13.87 -26.35 3.23
N ALA A 82 -13.68 -26.75 1.98
CA ALA A 82 -12.71 -27.78 1.64
C ALA A 82 -11.29 -27.23 1.79
N PHE A 83 -10.37 -28.09 2.22
CA PHE A 83 -8.99 -27.68 2.41
C PHE A 83 -8.03 -28.83 2.17
N ASP A 84 -6.77 -28.50 1.96
CA ASP A 84 -5.73 -29.49 1.72
C ASP A 84 -4.75 -29.48 2.89
N ILE A 85 -4.86 -30.47 3.78
CA ILE A 85 -3.98 -30.58 4.94
C ILE A 85 -2.51 -30.34 4.63
N ASN A 86 -2.05 -30.79 3.47
CA ASN A 86 -0.66 -30.60 3.09
C ASN A 86 -0.38 -29.16 2.69
N GLU A 87 -1.31 -28.58 1.94
CA GLU A 87 -1.17 -27.20 1.48
C GLU A 87 -1.31 -26.25 2.67
N LEU A 88 -2.09 -26.67 3.67
CA LEU A 88 -2.31 -25.86 4.87
C LEU A 88 -1.01 -25.74 5.65
N ILE A 89 -0.38 -26.89 5.91
CA ILE A 89 0.88 -26.94 6.64
C ILE A 89 1.94 -26.13 5.89
N ARG A 90 1.98 -26.28 4.58
CA ARG A 90 2.96 -25.58 3.78
C ARG A 90 2.83 -24.06 3.90
N MSE A 91 1.59 -23.58 3.94
CA MSE A 91 1.34 -22.14 4.04
C MSE A 91 1.18 -21.65 5.48
O MSE A 91 1.07 -20.45 5.72
CB MSE A 91 0.07 -21.79 3.24
CG MSE A 91 0.19 -22.14 1.78
SE MSE A 91 1.57 -21.12 0.93
CE MSE A 91 3.03 -22.38 1.04
N GLU A 92 1.18 -22.57 6.42
CA GLU A 92 1.02 -22.19 7.81
C GLU A 92 2.09 -21.21 8.26
N PRO A 93 1.68 -20.02 8.72
CA PRO A 93 2.60 -18.97 9.18
C PRO A 93 3.57 -19.49 10.27
N ASP A 94 4.81 -19.02 10.22
CA ASP A 94 5.81 -19.43 11.21
C ASP A 94 6.46 -18.16 11.76
N ARG A 95 6.04 -17.77 12.96
CA ARG A 95 6.56 -16.58 13.62
C ARG A 95 8.09 -16.68 13.84
N GLY A 96 8.57 -17.89 14.09
CA GLY A 96 9.99 -18.10 14.32
C GLY A 96 10.29 -18.38 15.78
N VAL A 97 11.39 -19.07 16.05
CA VAL A 97 11.76 -19.37 17.43
C VAL A 97 13.06 -18.59 17.74
N THR A 98 12.96 -17.62 18.63
CA THR A 98 14.11 -16.80 18.98
C THR A 98 15.16 -17.50 19.84
N ASN A 99 14.70 -18.39 20.71
CA ASN A 99 15.60 -19.09 21.61
C ASN A 99 15.56 -20.61 21.51
N VAL A 100 16.72 -21.23 21.68
CA VAL A 100 16.88 -22.68 21.65
C VAL A 100 17.34 -23.12 23.05
N ARG A 101 16.43 -23.75 23.80
CA ARG A 101 16.73 -24.16 25.18
C ARG A 101 17.02 -25.65 25.38
N LYS A 102 16.32 -26.51 24.65
CA LYS A 102 16.52 -27.95 24.77
C LYS A 102 17.48 -28.45 23.71
N LEU A 103 18.74 -28.62 24.10
CA LEU A 103 19.77 -29.06 23.16
C LEU A 103 19.57 -30.49 22.64
N ASN A 104 18.81 -31.28 23.37
CA ASN A 104 18.56 -32.66 22.97
C ASN A 104 17.26 -32.78 22.17
N LEU A 105 16.56 -31.67 21.98
CA LEU A 105 15.32 -31.69 21.21
C LEU A 105 15.66 -32.06 19.76
N PRO A 106 15.03 -33.14 19.23
CA PRO A 106 15.26 -33.60 17.86
C PRO A 106 15.29 -32.51 16.82
N HIS A 107 14.32 -31.61 16.91
CA HIS A 107 14.24 -30.50 15.97
C HIS A 107 15.55 -29.74 15.79
N TRP A 108 16.24 -29.46 16.90
CA TRP A 108 17.49 -28.71 16.82
C TRP A 108 18.72 -29.50 16.37
N THR A 109 18.71 -30.81 16.55
CA THR A 109 19.86 -31.64 16.22
C THR A 109 20.45 -31.51 14.82
N ARG A 110 19.67 -31.06 13.84
CA ARG A 110 20.21 -30.95 12.50
C ARG A 110 21.00 -29.67 12.26
N TRP A 111 20.88 -28.70 13.15
CA TRP A 111 21.62 -27.43 12.95
C TRP A 111 22.72 -27.16 13.97
N PHE A 112 23.36 -28.21 14.49
CA PHE A 112 24.43 -28.05 15.47
C PHE A 112 25.83 -28.16 14.84
N GLY A 113 25.89 -28.51 13.57
CA GLY A 113 27.18 -28.61 12.91
C GLY A 113 27.81 -27.24 12.79
N VAL A 114 29.12 -27.22 12.61
CA VAL A 114 29.87 -25.96 12.50
C VAL A 114 29.34 -25.02 11.42
N GLU A 115 28.86 -25.57 10.31
CA GLU A 115 28.36 -24.73 9.22
C GLU A 115 27.15 -23.87 9.58
N HIS A 116 26.49 -24.17 10.70
CA HIS A 116 25.33 -23.39 11.11
C HIS A 116 25.57 -22.54 12.36
N ARG A 117 26.84 -22.35 12.71
CA ARG A 117 27.21 -21.54 13.87
C ARG A 117 27.25 -20.06 13.51
N CYS A 118 26.87 -19.19 14.43
CA CYS A 118 26.99 -17.76 14.16
C CYS A 118 27.13 -16.96 15.44
N LEU A 119 27.76 -15.79 15.32
CA LEU A 119 27.95 -14.90 16.45
C LEU A 119 26.95 -13.76 16.32
N VAL A 120 26.16 -13.57 17.37
CA VAL A 120 25.15 -12.52 17.42
C VAL A 120 25.63 -11.43 18.35
N PRO A 121 26.10 -10.31 17.78
CA PRO A 121 26.60 -9.20 18.60
C PRO A 121 25.51 -8.55 19.45
N VAL A 122 25.84 -8.27 20.71
CA VAL A 122 24.90 -7.65 21.64
C VAL A 122 25.62 -6.81 22.71
N THR A 123 25.10 -5.61 22.99
CA THR A 123 25.68 -4.72 24.00
C THR A 123 24.83 -4.69 25.28
N SER A 124 23.56 -5.07 25.15
CA SER A 124 22.65 -5.16 26.29
C SER A 124 21.38 -5.90 25.85
N PHE A 125 20.82 -6.71 26.75
CA PHE A 125 19.62 -7.47 26.42
C PHE A 125 18.58 -7.26 27.53
N ALA A 126 17.31 -7.42 27.19
CA ALA A 126 16.24 -7.20 28.15
C ALA A 126 15.57 -8.47 28.67
N GLU A 127 14.94 -8.34 29.82
CA GLU A 127 14.20 -9.45 30.40
C GLU A 127 12.98 -8.85 31.07
N PRO A 128 11.80 -9.43 30.82
CA PRO A 128 10.57 -8.93 31.42
C PRO A 128 10.74 -8.78 32.93
N ASP A 129 10.22 -7.69 33.48
CA ASP A 129 10.32 -7.42 34.91
C ASP A 129 8.94 -7.11 35.51
N PRO A 130 8.04 -8.12 35.51
CA PRO A 130 6.69 -8.02 36.03
C PRO A 130 6.61 -7.61 37.50
N ALA A 131 7.73 -7.74 38.22
CA ALA A 131 7.76 -7.37 39.63
C ALA A 131 7.81 -5.86 39.79
N SER A 132 7.77 -5.14 38.67
CA SER A 132 7.81 -3.67 38.71
C SER A 132 6.65 -3.07 37.95
N LYS A 133 5.86 -3.89 37.27
CA LYS A 133 4.71 -3.39 36.52
C LYS A 133 3.76 -2.67 37.46
N GLN A 134 3.11 -1.62 36.97
CA GLN A 134 2.15 -0.90 37.78
C GLN A 134 0.76 -1.31 37.33
N GLU A 135 -0.24 -0.94 38.12
CA GLU A 135 -1.64 -1.28 37.84
C GLU A 135 -2.04 -1.08 36.38
N GLY A 136 -2.26 0.17 35.98
CA GLY A 136 -2.65 0.43 34.61
C GLY A 136 -1.47 0.63 33.69
N GLY A 137 -0.63 -0.40 33.58
CA GLY A 137 0.54 -0.30 32.73
C GLY A 137 1.06 -1.64 32.22
N ASN A 138 1.83 -1.60 31.15
CA ASN A 138 2.40 -2.81 30.56
C ASN A 138 3.61 -3.32 31.35
N VAL A 139 4.00 -4.56 31.08
CA VAL A 139 5.13 -5.19 31.75
C VAL A 139 6.41 -4.50 31.34
N PRO A 140 7.12 -3.90 32.31
CA PRO A 140 8.37 -3.21 32.03
C PRO A 140 9.49 -4.25 31.88
N ASN A 141 10.69 -3.79 31.57
CA ASN A 141 11.85 -4.67 31.39
C ASN A 141 13.04 -4.24 32.20
N ALA A 142 13.93 -5.20 32.44
CA ALA A 142 15.18 -4.90 33.13
C ALA A 142 16.26 -5.17 32.09
N TRP A 143 17.16 -4.20 31.93
CA TRP A 143 18.25 -4.32 30.97
C TRP A 143 19.55 -4.74 31.63
N PHE A 144 20.20 -5.73 31.04
CA PHE A 144 21.44 -6.27 31.55
C PHE A 144 22.57 -6.01 30.58
N ALA A 145 23.77 -5.79 31.13
CA ALA A 145 24.93 -5.53 30.30
C ALA A 145 26.18 -6.02 31.02
N ARG A 146 27.27 -6.13 30.28
CA ARG A 146 28.54 -6.57 30.85
C ARG A 146 29.02 -5.51 31.84
N ASP A 147 28.84 -4.24 31.47
CA ASP A 147 29.27 -3.12 32.30
C ASP A 147 28.52 -1.84 31.86
N GLU A 148 28.77 -0.72 32.53
CA GLU A 148 28.07 0.53 32.17
C GLU A 148 28.44 1.05 30.80
N ALA A 149 29.62 0.64 30.33
CA ALA A 149 30.06 1.06 29.02
C ALA A 149 29.43 0.14 27.98
N LYS A 150 28.65 -0.83 28.47
CA LYS A 150 28.01 -1.80 27.59
C LYS A 150 29.01 -2.48 26.67
N SER A 151 30.04 -3.10 27.25
CA SER A 151 31.06 -3.78 26.42
C SER A 151 30.38 -4.82 25.54
N LEU A 152 30.85 -4.94 24.31
CA LEU A 152 30.28 -5.89 23.35
C LEU A 152 30.37 -7.34 23.83
N MSE A 153 29.30 -8.09 23.59
CA MSE A 153 29.23 -9.52 23.95
C MSE A 153 28.67 -10.24 22.73
O MSE A 153 28.29 -9.61 21.76
CB MSE A 153 28.29 -9.75 25.12
CG MSE A 153 28.83 -9.31 26.46
SE MSE A 153 27.50 -9.27 27.85
CE MSE A 153 27.39 -11.11 28.30
N PHE A 154 28.61 -11.56 22.82
CA PHE A 154 28.07 -12.34 21.72
C PHE A 154 27.17 -13.44 22.21
N PHE A 155 26.01 -13.57 21.57
CA PHE A 155 25.09 -14.65 21.89
C PHE A 155 25.60 -15.84 21.11
N ALA A 156 25.42 -17.04 21.65
CA ALA A 156 25.84 -18.25 20.96
C ALA A 156 24.75 -18.50 19.93
N GLY A 157 25.01 -18.14 18.68
CA GLY A 157 24.02 -18.27 17.65
C GLY A 157 24.00 -19.50 16.76
N ILE A 158 22.86 -19.68 16.12
CA ILE A 158 22.61 -20.78 15.21
C ILE A 158 21.81 -20.18 14.06
N HIS A 159 22.31 -20.30 12.84
CA HIS A 159 21.58 -19.73 11.71
C HIS A 159 21.15 -20.79 10.69
N VAL A 160 20.12 -20.47 9.92
CA VAL A 160 19.60 -21.36 8.87
C VAL A 160 19.40 -20.50 7.63
N PRO A 161 20.31 -20.60 6.66
CA PRO A 161 20.28 -19.85 5.40
C PRO A 161 19.16 -20.23 4.44
N GLN A 162 18.64 -19.23 3.74
CA GLN A 162 17.57 -19.41 2.75
C GLN A 162 16.54 -20.47 3.16
N TRP A 163 15.68 -20.11 4.10
CA TRP A 163 14.65 -21.02 4.55
C TRP A 163 13.33 -20.53 3.97
N LYS A 164 12.65 -21.39 3.22
CA LYS A 164 11.38 -21.02 2.62
C LYS A 164 10.21 -21.37 3.52
N SER A 165 9.37 -20.37 3.77
CA SER A 165 8.20 -20.54 4.63
C SER A 165 7.40 -19.24 4.63
N VAL A 166 6.25 -19.28 5.30
CA VAL A 166 5.40 -18.11 5.41
C VAL A 166 5.66 -17.43 6.75
N ARG A 167 6.54 -16.44 6.76
CA ARG A 167 6.86 -15.72 7.98
C ARG A 167 5.66 -14.85 8.38
N LYS A 168 5.15 -14.10 7.41
CA LYS A 168 3.97 -13.23 7.61
C LYS A 168 2.96 -13.51 6.51
N VAL A 169 1.75 -13.90 6.93
CA VAL A 169 0.66 -14.24 6.02
C VAL A 169 0.51 -13.28 4.84
N ARG A 170 0.60 -11.99 5.10
CA ARG A 170 0.47 -10.99 4.05
C ARG A 170 1.57 -11.08 3.00
N ASP A 171 2.79 -11.42 3.41
CA ASP A 171 3.93 -11.52 2.49
C ASP A 171 3.99 -12.85 1.72
N GLY A 172 3.19 -13.82 2.17
CA GLY A 172 3.17 -15.12 1.53
C GLY A 172 4.41 -15.95 1.80
N LEU A 173 4.72 -16.86 0.88
CA LEU A 173 5.88 -17.72 1.00
C LEU A 173 7.15 -16.94 0.60
N THR A 174 8.16 -16.96 1.48
CA THR A 174 9.43 -16.25 1.23
C THR A 174 10.65 -17.11 1.58
N THR A 175 11.81 -16.70 1.09
CA THR A 175 13.07 -17.41 1.36
C THR A 175 13.95 -16.44 2.14
N ASP A 176 14.09 -16.68 3.45
CA ASP A 176 14.87 -15.79 4.29
C ASP A 176 15.98 -16.49 5.05
N ASP A 177 17.02 -15.73 5.38
CA ASP A 177 18.11 -16.25 6.19
C ASP A 177 17.62 -16.08 7.61
N LEU A 178 17.66 -17.14 8.40
CA LEU A 178 17.18 -17.07 9.76
C LEU A 178 18.28 -17.29 10.79
N TYR A 179 18.04 -16.80 12.00
CA TYR A 179 19.02 -16.97 13.07
C TYR A 179 18.35 -16.96 14.42
N GLY A 180 19.09 -17.46 15.40
CA GLY A 180 18.62 -17.52 16.77
C GLY A 180 19.80 -17.84 17.66
N PHE A 181 19.56 -17.86 18.98
CA PHE A 181 20.64 -18.14 19.92
C PHE A 181 20.17 -18.95 21.10
N LEU A 182 21.12 -19.59 21.77
CA LEU A 182 20.79 -20.43 22.91
C LEU A 182 20.44 -19.67 24.18
N THR A 183 19.59 -20.29 25.00
CA THR A 183 19.20 -19.72 26.28
C THR A 183 19.51 -20.82 27.29
N THR A 184 19.51 -20.48 28.57
CA THR A 184 19.84 -21.44 29.62
C THR A 184 19.16 -20.99 30.92
N ASP A 185 19.50 -21.62 32.03
CA ASP A 185 18.92 -21.24 33.31
C ASP A 185 19.43 -19.88 33.73
N PRO A 186 18.60 -19.10 34.42
CA PRO A 186 19.04 -17.78 34.87
C PRO A 186 19.91 -17.91 36.12
N ASN A 187 20.87 -17.00 36.29
CA ASN A 187 21.75 -17.03 37.46
C ASN A 187 21.12 -16.19 38.58
N ASP A 188 21.82 -16.02 39.70
CA ASP A 188 21.29 -15.28 40.84
C ASP A 188 20.99 -13.80 40.59
N LEU A 189 21.49 -13.29 39.47
CA LEU A 189 21.26 -11.91 39.13
C LEU A 189 20.01 -11.76 38.26
N VAL A 190 19.75 -12.77 37.44
CA VAL A 190 18.59 -12.71 36.55
C VAL A 190 17.32 -13.35 37.11
N LYS A 191 17.47 -14.50 37.75
CA LYS A 191 16.31 -15.22 38.30
C LYS A 191 15.32 -14.35 39.09
N PRO A 192 15.80 -13.51 40.03
CA PRO A 192 14.90 -12.67 40.82
C PRO A 192 13.99 -11.78 39.97
N ILE A 193 14.40 -11.52 38.72
CA ILE A 193 13.64 -10.67 37.82
C ILE A 193 12.85 -11.50 36.81
N HIS A 194 13.54 -12.42 36.17
CA HIS A 194 12.94 -13.31 35.19
C HIS A 194 13.33 -14.71 35.59
N GLU A 195 12.34 -15.51 35.96
CA GLU A 195 12.64 -16.87 36.39
C GLU A 195 12.69 -17.90 35.27
N LYS A 196 12.18 -17.53 34.09
CA LYS A 196 12.14 -18.44 32.96
C LYS A 196 13.51 -18.88 32.44
N ALA A 197 14.37 -17.91 32.15
CA ALA A 197 15.70 -18.23 31.63
C ALA A 197 16.52 -16.99 31.27
N MSE A 198 17.79 -17.20 30.96
CA MSE A 198 18.67 -16.12 30.55
C MSE A 198 19.38 -16.58 29.29
O MSE A 198 19.42 -17.77 28.99
CB MSE A 198 19.70 -15.79 31.64
CG MSE A 198 20.95 -16.68 31.66
SE MSE A 198 22.18 -16.17 33.12
CE MSE A 198 22.79 -14.46 32.42
N PRO A 199 19.94 -15.65 28.52
CA PRO A 199 20.63 -16.05 27.29
C PRO A 199 22.05 -16.55 27.52
N VAL A 200 22.54 -17.38 26.60
CA VAL A 200 23.90 -17.88 26.70
C VAL A 200 24.75 -16.74 26.13
N LEU A 201 25.79 -16.34 26.86
CA LEU A 201 26.64 -15.26 26.40
C LEU A 201 28.12 -15.63 26.33
N LEU A 202 28.77 -15.16 25.29
CA LEU A 202 30.20 -15.41 25.07
C LEU A 202 30.92 -14.10 25.35
N LEU A 203 31.81 -14.10 26.35
CA LEU A 203 32.53 -12.88 26.72
C LEU A 203 33.94 -12.72 26.18
N THR A 204 34.60 -13.81 25.85
CA THR A 204 35.97 -13.70 25.36
C THR A 204 36.13 -14.25 23.96
N ARG A 205 37.29 -13.96 23.37
CA ARG A 205 37.57 -14.44 22.03
C ARG A 205 37.68 -15.96 21.98
N GLU A 206 38.41 -16.54 22.92
CA GLU A 206 38.56 -17.99 22.98
C GLU A 206 37.19 -18.66 22.97
N GLU A 207 36.21 -18.03 23.63
CA GLU A 207 34.87 -18.58 23.69
C GLU A 207 34.21 -18.47 22.33
N THR A 208 34.41 -17.34 21.65
CA THR A 208 33.79 -17.17 20.34
C THR A 208 34.42 -18.13 19.34
N GLU A 209 35.72 -18.39 19.47
CA GLU A 209 36.38 -19.30 18.54
C GLU A 209 35.85 -20.73 18.72
N ILE A 210 35.71 -21.14 19.97
CA ILE A 210 35.19 -22.47 20.28
C ILE A 210 33.84 -22.67 19.60
N TRP A 211 32.96 -21.69 19.78
CA TRP A 211 31.62 -21.73 19.24
C TRP A 211 31.58 -21.76 17.70
N MSE A 212 32.49 -21.00 17.08
CA MSE A 212 32.58 -20.91 15.63
C MSE A 212 33.45 -21.97 14.96
O MSE A 212 33.47 -22.05 13.73
CB MSE A 212 33.14 -19.53 15.23
CG MSE A 212 32.20 -18.35 15.53
SE MSE A 212 30.58 -18.46 14.46
CE MSE A 212 31.12 -17.25 13.03
N ARG A 213 34.16 -22.79 15.74
CA ARG A 213 35.04 -23.80 15.15
C ARG A 213 34.97 -25.22 15.68
N ALA A 214 34.65 -25.37 16.96
CA ALA A 214 34.61 -26.68 17.60
C ALA A 214 33.38 -27.53 17.31
N PRO A 215 33.56 -28.87 17.28
CA PRO A 215 32.43 -29.75 17.02
C PRO A 215 31.43 -29.62 18.16
N TRP A 216 30.16 -29.86 17.85
CA TRP A 216 29.07 -29.72 18.81
C TRP A 216 29.32 -30.34 20.18
N ASP A 217 29.93 -31.53 20.19
CA ASP A 217 30.21 -32.22 21.44
C ASP A 217 31.09 -31.39 22.37
N GLU A 218 31.75 -30.38 21.80
CA GLU A 218 32.58 -29.51 22.61
C GLU A 218 31.86 -28.19 22.85
N ALA A 219 31.43 -27.56 21.76
CA ALA A 219 30.75 -26.27 21.81
C ALA A 219 29.49 -26.22 22.65
N LYS A 220 28.75 -27.31 22.68
CA LYS A 220 27.51 -27.31 23.45
C LYS A 220 27.74 -27.05 24.94
N HIS A 221 28.96 -27.28 25.41
CA HIS A 221 29.26 -27.08 26.82
C HIS A 221 29.38 -25.64 27.28
N LEU A 222 29.56 -24.72 26.35
CA LEU A 222 29.65 -23.32 26.77
C LEU A 222 28.24 -22.77 26.96
N ALA A 223 27.25 -23.65 26.83
CA ALA A 223 25.86 -23.24 27.02
C ALA A 223 25.55 -23.36 28.50
N ARG A 224 26.00 -22.38 29.26
CA ARG A 224 25.77 -22.36 30.69
C ARG A 224 25.60 -20.92 31.15
N PRO A 225 24.92 -20.72 32.28
CA PRO A 225 24.74 -19.34 32.74
C PRO A 225 26.04 -18.67 33.10
N LEU A 226 26.08 -17.35 32.93
CA LEU A 226 27.27 -16.59 33.26
C LEU A 226 27.44 -16.56 34.77
N PRO A 227 28.66 -16.27 35.24
CA PRO A 227 28.90 -16.20 36.69
C PRO A 227 27.94 -15.15 37.26
N ASN A 228 27.78 -15.11 38.58
CA ASN A 228 26.86 -14.16 39.19
C ASN A 228 27.23 -12.68 39.10
N ASP A 229 28.51 -12.38 38.99
CA ASP A 229 28.99 -10.98 38.91
C ASP A 229 29.47 -10.61 37.52
N ALA A 230 29.07 -11.38 36.53
CA ALA A 230 29.48 -11.11 35.17
C ALA A 230 28.69 -9.94 34.63
N LEU A 231 27.41 -9.92 34.97
CA LEU A 231 26.53 -8.87 34.49
C LEU A 231 26.13 -7.82 35.51
N ILE A 232 25.43 -6.82 34.99
CA ILE A 232 24.97 -5.69 35.76
C ILE A 232 23.56 -5.34 35.29
N ILE A 233 22.78 -4.71 36.15
CA ILE A 233 21.45 -4.25 35.79
C ILE A 233 21.68 -2.79 35.40
N LEU A 234 21.74 -2.51 34.10
CA LEU A 234 21.99 -1.14 33.63
C LEU A 234 20.80 -0.21 33.78
N SER A 235 19.59 -0.75 33.68
CA SER A 235 18.40 0.07 33.81
C SER A 235 17.11 -0.71 33.77
N ARG A 236 16.04 -0.05 34.21
CA ARG A 236 14.71 -0.63 34.20
C ARG A 236 13.89 0.36 33.38
N GLU A 237 13.56 0.01 32.14
CA GLU A 237 12.80 0.90 31.29
C GLU A 237 11.43 0.34 31.01
N PRO A 238 10.47 1.20 30.65
CA PRO A 238 9.12 0.75 30.37
C PRO A 238 9.00 0.02 29.04
N TYR A 239 7.88 -0.68 28.88
CA TYR A 239 7.61 -1.41 27.67
C TYR A 239 7.48 -0.38 26.54
N GLY A 240 8.28 -0.56 25.50
CA GLY A 240 8.24 0.36 24.37
C GLY A 240 9.46 1.26 24.28
N SER A 241 10.21 1.38 25.37
CA SER A 241 11.39 2.24 25.34
C SER A 241 12.37 1.80 24.25
N SER A 242 12.83 2.75 23.45
CA SER A 242 13.74 2.44 22.37
C SER A 242 14.90 3.44 22.22
N ILE A 243 16.01 2.93 21.69
CA ILE A 243 17.21 3.73 21.47
C ILE A 243 17.27 4.17 20.02
N VAL A 244 16.34 3.66 19.21
CA VAL A 244 16.26 3.99 17.78
C VAL A 244 14.83 4.39 17.39
N CYS B 2 14.58 12.24 -11.25
CA CYS B 2 13.97 11.80 -9.98
C CYS B 2 13.38 10.40 -10.05
N ASN B 3 12.98 9.85 -8.90
CA ASN B 3 12.41 8.52 -8.81
C ASN B 3 11.08 8.50 -8.07
N LEU B 4 10.40 9.63 -8.08
CA LEU B 4 9.12 9.73 -7.41
C LEU B 4 8.42 10.98 -7.88
N TYR B 5 7.18 10.81 -8.35
CA TYR B 5 6.40 11.93 -8.82
C TYR B 5 4.93 11.60 -8.71
N ARG B 6 4.10 12.59 -9.02
CA ARG B 6 2.65 12.42 -8.96
C ARG B 6 1.97 12.96 -10.21
N MSE B 7 0.82 12.38 -10.54
CA MSE B 7 0.01 12.78 -11.69
C MSE B 7 -1.42 12.86 -11.16
O MSE B 7 -2.06 11.83 -10.93
CB MSE B 7 0.07 11.74 -12.79
CG MSE B 7 0.19 12.32 -14.18
SE MSE B 7 -1.15 13.65 -14.63
CE MSE B 7 -2.31 12.52 -15.66
N GLU B 8 -1.92 14.08 -10.97
CA GLU B 8 -3.27 14.29 -10.41
C GLU B 8 -4.18 15.12 -11.29
N ASP B 9 -3.88 15.21 -12.58
CA ASP B 9 -4.73 15.98 -13.47
C ASP B 9 -5.81 15.04 -13.97
N LYS B 10 -7.02 15.22 -13.44
CA LYS B 10 -8.15 14.38 -13.82
C LYS B 10 -8.44 14.38 -15.32
N ASP B 11 -8.75 15.57 -15.84
CA ASP B 11 -9.10 15.77 -17.24
C ASP B 11 -7.95 16.29 -18.08
N TRP B 12 -6.94 15.46 -18.34
CA TRP B 12 -5.81 15.92 -19.15
C TRP B 12 -5.85 15.37 -20.58
N VAL B 13 -6.22 14.10 -20.70
CA VAL B 13 -6.31 13.44 -22.01
C VAL B 13 -7.13 14.25 -23.00
N SER B 14 -8.18 14.89 -22.51
CA SER B 14 -9.05 15.68 -23.36
C SER B 14 -8.33 16.74 -24.19
N LYS B 15 -7.24 17.29 -23.66
CA LYS B 15 -6.52 18.36 -24.36
C LYS B 15 -5.07 18.06 -24.74
N TRP B 16 -4.60 16.85 -24.51
CA TRP B 16 -3.22 16.51 -24.83
C TRP B 16 -3.07 15.19 -25.59
N ALA B 17 -3.97 14.26 -25.36
CA ALA B 17 -3.93 12.96 -26.03
C ALA B 17 -5.28 12.62 -26.68
N GLN B 18 -6.00 13.66 -27.12
CA GLN B 18 -7.29 13.48 -27.75
C GLN B 18 -7.17 12.69 -29.04
N ASP B 19 -6.13 13.00 -29.81
CA ASP B 19 -5.86 12.34 -31.09
C ASP B 19 -5.08 11.05 -30.91
N ALA B 20 -4.95 10.61 -29.66
CA ALA B 20 -4.22 9.39 -29.35
C ALA B 20 -5.16 8.22 -29.19
N GLU B 21 -4.60 7.01 -29.13
CA GLU B 21 -5.40 5.81 -28.99
C GLU B 21 -5.50 5.43 -27.51
N SER B 22 -6.54 5.89 -26.83
CA SER B 22 -6.71 5.61 -25.41
C SER B 22 -7.17 4.18 -25.15
N LEU B 23 -6.21 3.26 -25.13
CA LEU B 23 -6.51 1.86 -24.90
C LEU B 23 -5.97 1.39 -23.55
N ILE B 24 -6.42 2.04 -22.48
CA ILE B 24 -5.98 1.66 -21.14
C ILE B 24 -6.99 2.08 -20.08
N ASN B 25 -6.88 1.47 -18.91
CA ASN B 25 -7.76 1.79 -17.79
C ASN B 25 -7.11 2.95 -17.04
N LEU B 26 -7.32 4.16 -17.54
CA LEU B 26 -6.76 5.34 -16.91
C LEU B 26 -7.25 5.51 -15.46
N MSE B 27 -6.34 5.86 -14.57
CA MSE B 27 -6.67 6.08 -13.16
C MSE B 27 -6.76 7.58 -12.94
O MSE B 27 -6.06 8.35 -13.60
CB MSE B 27 -5.57 5.48 -12.28
CG MSE B 27 -6.08 4.66 -11.11
SE MSE B 27 -6.93 3.05 -11.74
CE MSE B 27 -5.58 1.77 -11.17
N PRO B 28 -7.63 8.03 -12.01
CA PRO B 28 -7.78 9.46 -11.73
C PRO B 28 -6.53 10.17 -11.16
N ALA B 29 -5.70 9.43 -10.46
CA ALA B 29 -4.48 9.99 -9.88
C ALA B 29 -3.36 8.96 -9.84
N TYR B 30 -2.11 9.42 -9.86
CA TYR B 30 -0.98 8.51 -9.82
C TYR B 30 0.13 8.99 -8.89
N GLN B 31 0.69 8.06 -8.12
CA GLN B 31 1.83 8.35 -7.26
C GLN B 31 2.83 7.29 -7.72
N MSE B 32 3.67 7.72 -8.66
CA MSE B 32 4.65 6.87 -9.30
C MSE B 32 5.93 6.54 -8.55
O MSE B 32 6.52 7.37 -7.86
CB MSE B 32 5.00 7.46 -10.68
CG MSE B 32 3.83 7.49 -11.67
SE MSE B 32 2.94 5.76 -11.94
CE MSE B 32 4.54 4.68 -12.34
N ASN B 33 6.37 5.29 -8.69
CA ASN B 33 7.60 4.82 -8.07
C ASN B 33 8.21 3.91 -9.11
N PRO B 34 9.52 3.65 -8.99
CA PRO B 34 10.23 2.79 -9.93
C PRO B 34 9.55 1.45 -10.22
N ASP B 35 9.57 1.05 -11.49
CA ASP B 35 9.00 -0.20 -11.95
C ASP B 35 7.50 -0.37 -11.86
N GLN B 36 6.79 0.72 -11.57
CA GLN B 36 5.33 0.67 -11.49
C GLN B 36 4.76 1.08 -12.85
N MSE B 37 3.46 0.90 -13.03
CA MSE B 37 2.80 1.26 -14.27
C MSE B 37 2.37 2.73 -14.27
O MSE B 37 1.52 3.13 -13.46
CB MSE B 37 1.57 0.37 -14.48
CG MSE B 37 1.87 -1.13 -14.61
SE MSE B 37 2.83 -1.56 -16.24
CE MSE B 37 1.37 -1.42 -17.52
N GLY B 38 2.93 3.52 -15.17
CA GLY B 38 2.57 4.93 -15.26
C GLY B 38 2.00 5.28 -16.63
N PRO B 39 1.13 6.29 -16.73
CA PRO B 39 0.54 6.71 -18.01
C PRO B 39 1.51 7.50 -18.91
N ILE B 40 1.53 7.17 -20.19
CA ILE B 40 2.37 7.88 -21.13
C ILE B 40 1.70 7.96 -22.50
N VAL B 41 2.07 8.98 -23.27
CA VAL B 41 1.59 9.11 -24.62
C VAL B 41 2.84 8.87 -25.45
N ARG B 42 2.88 7.73 -26.14
CA ARG B 42 4.03 7.34 -26.97
C ARG B 42 3.75 7.38 -28.46
N ASN B 43 4.80 7.44 -29.26
CA ASN B 43 4.68 7.42 -30.70
C ASN B 43 4.85 5.98 -31.14
N THR B 44 4.23 5.62 -32.26
CA THR B 44 4.31 4.26 -32.77
C THR B 44 5.14 4.22 -34.05
N ALA B 45 5.65 3.03 -34.39
CA ALA B 45 6.44 2.86 -35.61
C ALA B 45 5.60 3.31 -36.80
N ASP B 46 4.29 3.24 -36.66
CA ASP B 46 3.37 3.66 -37.72
C ASP B 46 3.35 5.17 -37.85
N GLY B 47 3.47 5.85 -36.71
CA GLY B 47 3.45 7.31 -36.75
C GLY B 47 2.39 7.88 -35.84
N LYS B 48 1.35 7.09 -35.55
CA LYS B 48 0.28 7.58 -34.69
C LYS B 48 0.71 7.73 -33.23
N LYS B 49 -0.26 8.10 -32.40
CA LYS B 49 -0.02 8.30 -30.98
C LYS B 49 -0.88 7.38 -30.13
N GLN B 50 -0.25 6.70 -29.18
CA GLN B 50 -0.94 5.78 -28.30
C GLN B 50 -0.85 6.21 -26.83
N LEU B 51 -1.99 6.20 -26.16
CA LEU B 51 -2.04 6.54 -24.76
C LEU B 51 -2.14 5.19 -24.03
N VAL B 52 -1.07 4.80 -23.35
CA VAL B 52 -1.06 3.52 -22.63
C VAL B 52 -0.26 3.60 -21.33
N HIS B 53 -0.31 2.50 -20.59
CA HIS B 53 0.44 2.36 -19.35
C HIS B 53 1.73 1.65 -19.74
N ALA B 54 2.81 1.98 -19.06
CA ALA B 54 4.11 1.37 -19.29
C ALA B 54 4.85 1.26 -17.96
N ARG B 55 5.80 0.34 -17.91
CA ARG B 55 6.59 0.11 -16.72
C ARG B 55 7.71 1.16 -16.63
N TRP B 56 7.76 1.88 -15.51
CA TRP B 56 8.77 2.93 -15.33
C TRP B 56 10.15 2.34 -15.07
N GLY B 57 10.97 2.36 -16.11
CA GLY B 57 12.32 1.83 -16.02
C GLY B 57 12.76 1.22 -17.33
N LEU B 58 13.59 1.96 -18.06
CA LEU B 58 14.12 1.49 -19.34
C LEU B 58 15.13 0.35 -19.12
N PRO B 59 15.44 -0.41 -20.17
CA PRO B 59 16.40 -1.51 -20.03
C PRO B 59 17.79 -1.03 -19.61
N SER B 60 18.43 -1.79 -18.73
CA SER B 60 19.78 -1.43 -18.29
C SER B 60 20.81 -1.73 -19.39
N PRO B 61 21.95 -1.02 -19.37
CA PRO B 61 23.00 -1.23 -20.37
C PRO B 61 23.43 -2.70 -20.46
N ILE B 62 23.50 -3.24 -21.69
CA ILE B 62 23.89 -4.63 -21.91
C ILE B 62 25.12 -5.05 -21.09
N PHE B 63 26.00 -4.10 -20.80
CA PHE B 63 27.18 -4.42 -20.02
C PHE B 63 26.87 -4.40 -18.53
N VAL B 64 26.02 -3.48 -18.11
CA VAL B 64 25.65 -3.38 -16.69
C VAL B 64 24.94 -4.66 -16.27
N GLN B 65 24.32 -5.33 -17.24
CA GLN B 65 23.59 -6.57 -17.02
C GLN B 65 24.53 -7.78 -17.02
N LYS B 66 25.69 -7.61 -17.65
CA LYS B 66 26.70 -8.67 -17.70
C LYS B 66 27.39 -8.74 -16.33
N LYS B 67 27.90 -7.61 -15.89
CA LYS B 67 28.58 -7.54 -14.60
C LYS B 67 27.81 -8.30 -13.51
N ALA B 68 26.53 -7.96 -13.33
CA ALA B 68 25.73 -8.63 -12.31
C ALA B 68 25.54 -10.11 -12.67
N ALA B 69 25.31 -10.37 -13.95
CA ALA B 69 25.09 -11.72 -14.45
C ALA B 69 26.28 -12.63 -14.19
N GLU B 70 27.45 -12.16 -14.62
CA GLU B 70 28.69 -12.92 -14.46
C GLU B 70 29.14 -12.94 -13.00
N ALA B 71 28.95 -11.82 -12.30
CA ALA B 71 29.34 -11.76 -10.91
C ALA B 71 28.51 -12.82 -10.18
N ARG B 72 27.35 -13.14 -10.75
CA ARG B 72 26.46 -14.14 -10.19
C ARG B 72 27.11 -15.52 -10.37
N ALA B 73 27.50 -15.83 -11.59
CA ALA B 73 28.12 -17.12 -11.91
C ALA B 73 29.25 -17.44 -10.93
N ASP B 74 29.97 -16.40 -10.51
CA ASP B 74 31.07 -16.55 -9.57
C ASP B 74 30.62 -17.23 -8.29
N LYS B 75 29.33 -17.07 -7.96
CA LYS B 75 28.78 -17.69 -6.76
C LYS B 75 28.22 -19.07 -7.10
N LEU B 76 28.08 -19.36 -8.39
CA LEU B 76 27.56 -20.65 -8.81
C LEU B 76 28.70 -21.66 -8.94
N LYS B 77 29.84 -21.21 -9.48
CA LYS B 77 30.97 -22.10 -9.65
C LYS B 77 31.74 -22.21 -8.34
N ALA B 78 31.72 -21.13 -7.56
CA ALA B 78 32.39 -21.12 -6.26
C ALA B 78 31.46 -21.72 -5.22
N LYS B 79 30.91 -22.88 -5.57
CA LYS B 79 29.98 -23.60 -4.69
C LYS B 79 29.66 -24.97 -5.31
N GLY B 80 30.62 -25.51 -6.05
CA GLY B 80 30.44 -26.81 -6.68
C GLY B 80 29.20 -26.88 -7.56
N LYS B 81 29.17 -26.06 -8.61
CA LYS B 81 28.02 -26.02 -9.52
C LYS B 81 28.38 -25.30 -10.82
N ALA B 82 27.83 -25.78 -11.92
CA ALA B 82 28.07 -25.20 -13.23
C ALA B 82 26.99 -24.18 -13.57
N PHE B 83 26.99 -23.74 -14.82
CA PHE B 83 26.01 -22.76 -15.29
C PHE B 83 26.14 -22.53 -16.80
N ASP B 84 25.60 -21.39 -17.24
CA ASP B 84 25.63 -21.00 -18.64
C ASP B 84 25.46 -19.48 -18.68
N ILE B 85 26.58 -18.78 -18.53
CA ILE B 85 26.61 -17.31 -18.54
C ILE B 85 25.60 -16.70 -19.53
N ASN B 86 25.42 -17.35 -20.69
CA ASN B 86 24.48 -16.86 -21.70
C ASN B 86 23.09 -16.81 -21.09
N GLU B 87 22.58 -17.97 -20.67
CA GLU B 87 21.26 -18.06 -20.06
C GLU B 87 21.23 -17.24 -18.78
N LEU B 88 22.41 -17.03 -18.20
CA LEU B 88 22.55 -16.27 -16.96
C LEU B 88 22.21 -14.80 -17.19
N ILE B 89 22.68 -14.26 -18.32
CA ILE B 89 22.45 -12.88 -18.67
C ILE B 89 20.97 -12.68 -19.02
N ARG B 90 20.48 -13.53 -19.91
CA ARG B 90 19.09 -13.44 -20.35
C ARG B 90 18.12 -13.55 -19.17
N MSE B 91 18.57 -14.14 -18.08
CA MSE B 91 17.73 -14.32 -16.90
C MSE B 91 18.07 -13.34 -15.77
O MSE B 91 17.39 -13.30 -14.74
CB MSE B 91 17.84 -15.74 -16.37
CG MSE B 91 17.27 -16.81 -17.30
SE MSE B 91 15.36 -16.69 -17.49
CE MSE B 91 15.27 -16.07 -19.33
N GLU B 92 19.13 -12.57 -15.95
CA GLU B 92 19.55 -11.61 -14.93
C GLU B 92 18.49 -10.53 -14.72
N PRO B 93 18.02 -10.36 -13.47
CA PRO B 93 17.01 -9.35 -13.13
C PRO B 93 17.45 -7.95 -13.54
N ASP B 94 16.47 -7.10 -13.83
CA ASP B 94 16.70 -5.73 -14.25
C ASP B 94 15.55 -4.87 -13.77
N ARG B 95 15.82 -4.04 -12.75
CA ARG B 95 14.82 -3.16 -12.17
C ARG B 95 14.47 -2.02 -13.14
N GLY B 96 15.32 -1.84 -14.15
CA GLY B 96 15.08 -0.78 -15.13
C GLY B 96 15.71 0.54 -14.71
N VAL B 97 15.91 1.43 -15.67
CA VAL B 97 16.51 2.73 -15.39
C VAL B 97 15.45 3.81 -15.53
N THR B 98 15.17 4.53 -14.46
CA THR B 98 14.14 5.57 -14.50
C THR B 98 14.56 6.86 -15.18
N ASN B 99 15.80 7.26 -14.98
CA ASN B 99 16.31 8.51 -15.57
C ASN B 99 17.47 8.32 -16.54
N VAL B 100 17.44 9.05 -17.64
CA VAL B 100 18.51 8.99 -18.64
C VAL B 100 19.23 10.34 -18.71
N ARG B 101 20.49 10.38 -18.26
CA ARG B 101 21.27 11.62 -18.25
C ARG B 101 22.20 11.77 -19.48
N LYS B 102 23.26 10.96 -19.55
CA LYS B 102 24.22 11.00 -20.64
C LYS B 102 23.63 10.72 -22.01
N LEU B 103 23.38 11.78 -22.78
CA LEU B 103 22.78 11.63 -24.09
C LEU B 103 23.75 11.19 -25.17
N ASN B 104 24.97 10.88 -24.74
CA ASN B 104 26.01 10.45 -25.67
C ASN B 104 26.29 8.96 -25.50
N LEU B 105 25.90 8.40 -24.36
CA LEU B 105 26.07 6.98 -24.08
C LEU B 105 25.38 6.19 -25.19
N PRO B 106 26.14 5.35 -25.92
CA PRO B 106 25.66 4.52 -27.03
C PRO B 106 24.35 3.79 -26.75
N HIS B 107 24.22 3.28 -25.54
CA HIS B 107 23.03 2.56 -25.12
C HIS B 107 21.73 3.31 -25.43
N TRP B 108 21.66 4.57 -25.01
CA TRP B 108 20.46 5.38 -25.22
C TRP B 108 20.26 5.83 -26.66
N THR B 109 21.34 6.03 -27.39
CA THR B 109 21.29 6.52 -28.76
C THR B 109 20.39 5.73 -29.70
N ARG B 110 20.07 4.49 -29.33
CA ARG B 110 19.23 3.67 -30.20
C ARG B 110 17.75 3.99 -30.07
N TRP B 111 17.38 4.59 -28.94
CA TRP B 111 15.98 4.93 -28.71
C TRP B 111 15.73 6.43 -28.73
N PHE B 112 16.51 7.17 -29.51
CA PHE B 112 16.28 8.61 -29.57
C PHE B 112 15.48 9.00 -30.79
N GLY B 113 15.13 8.01 -31.60
CA GLY B 113 14.36 8.27 -32.79
C GLY B 113 12.99 8.81 -32.45
N VAL B 114 12.28 9.29 -33.45
CA VAL B 114 10.96 9.84 -33.26
C VAL B 114 9.95 8.79 -32.80
N GLU B 115 10.15 7.54 -33.20
CA GLU B 115 9.21 6.48 -32.83
C GLU B 115 9.40 5.94 -31.42
N HIS B 116 10.38 6.49 -30.70
CA HIS B 116 10.65 6.09 -29.32
C HIS B 116 10.49 7.25 -28.33
N ARG B 117 9.78 8.29 -28.76
CA ARG B 117 9.54 9.46 -27.92
C ARG B 117 8.19 9.24 -27.24
N CYS B 118 8.00 9.87 -26.09
CA CYS B 118 6.74 9.79 -25.35
C CYS B 118 6.66 10.94 -24.37
N LEU B 119 5.43 11.34 -24.06
CA LEU B 119 5.15 12.41 -23.11
C LEU B 119 4.72 11.79 -21.79
N VAL B 120 5.46 12.09 -20.72
CA VAL B 120 5.14 11.56 -19.41
C VAL B 120 4.46 12.64 -18.58
N PRO B 121 3.12 12.63 -18.52
CA PRO B 121 2.38 13.65 -17.75
C PRO B 121 2.77 13.62 -16.28
N VAL B 122 2.92 14.80 -15.70
CA VAL B 122 3.26 14.93 -14.30
C VAL B 122 2.75 16.27 -13.77
N THR B 123 2.20 16.27 -12.56
CA THR B 123 1.70 17.48 -11.94
C THR B 123 2.65 17.96 -10.82
N SER B 124 3.36 17.02 -10.19
CA SER B 124 4.38 17.36 -9.17
C SER B 124 5.41 16.23 -9.05
N PHE B 125 6.64 16.58 -8.73
CA PHE B 125 7.70 15.58 -8.58
C PHE B 125 8.51 15.81 -7.30
N ALA B 126 9.04 14.73 -6.75
CA ALA B 126 9.82 14.81 -5.53
C ALA B 126 11.32 14.63 -5.71
N GLU B 127 12.07 15.12 -4.73
CA GLU B 127 13.52 14.98 -4.72
C GLU B 127 13.89 14.76 -3.26
N PRO B 128 14.84 13.83 -3.02
CA PRO B 128 15.31 13.52 -1.67
C PRO B 128 15.75 14.79 -0.96
N ASP B 129 15.18 15.01 0.21
CA ASP B 129 15.48 16.20 1.00
C ASP B 129 16.11 15.83 2.34
N PRO B 130 17.37 15.37 2.31
CA PRO B 130 18.12 14.97 3.51
C PRO B 130 18.33 16.09 4.54
N ALA B 131 18.44 17.32 4.05
CA ALA B 131 18.63 18.48 4.91
C ALA B 131 17.45 18.69 5.84
N SER B 132 16.42 17.86 5.74
CA SER B 132 15.25 18.00 6.60
C SER B 132 14.97 16.73 7.39
N LYS B 133 15.90 15.80 7.35
CA LYS B 133 15.74 14.54 8.08
C LYS B 133 15.81 14.83 9.58
N GLN B 134 14.69 14.70 10.27
CA GLN B 134 14.64 14.97 11.70
C GLN B 134 15.77 14.30 12.50
N GLU B 135 15.96 13.01 12.30
CA GLU B 135 17.01 12.29 13.03
C GLU B 135 17.25 10.93 12.40
N GLY B 136 17.17 9.88 13.21
CA GLY B 136 17.37 8.53 12.72
C GLY B 136 16.19 8.03 11.91
N GLY B 137 15.36 8.95 11.44
CA GLY B 137 14.20 8.59 10.65
C GLY B 137 14.49 8.53 9.17
N ASN B 138 13.46 8.27 8.37
CA ASN B 138 13.60 8.18 6.91
C ASN B 138 13.79 9.56 6.27
N VAL B 139 14.55 9.59 5.19
CA VAL B 139 14.81 10.83 4.46
C VAL B 139 13.52 11.38 3.87
N PRO B 140 13.15 12.62 4.24
CA PRO B 140 11.95 13.29 3.77
C PRO B 140 12.14 13.80 2.35
N ASN B 141 11.03 14.24 1.74
CA ASN B 141 11.02 14.75 0.37
C ASN B 141 10.55 16.21 0.22
N ALA B 142 10.98 16.82 -0.86
CA ALA B 142 10.58 18.19 -1.20
C ALA B 142 9.83 18.03 -2.54
N TRP B 143 8.60 18.53 -2.61
CA TRP B 143 7.82 18.42 -3.82
C TRP B 143 7.78 19.71 -4.61
N PHE B 144 8.06 19.60 -5.90
CA PHE B 144 8.10 20.75 -6.80
C PHE B 144 6.92 20.71 -7.81
N ALA B 145 6.39 21.88 -8.14
CA ALA B 145 5.29 21.98 -9.08
C ALA B 145 5.41 23.25 -9.88
N ARG B 146 4.66 23.31 -10.98
CA ARG B 146 4.62 24.45 -11.87
C ARG B 146 3.97 25.63 -11.11
N ASP B 147 3.02 25.30 -10.24
CA ASP B 147 2.31 26.29 -9.45
C ASP B 147 1.50 25.64 -8.34
N GLU B 148 0.82 26.43 -7.51
CA GLU B 148 0.03 25.87 -6.43
C GLU B 148 -1.16 25.06 -6.94
N ALA B 149 -1.60 25.33 -8.16
CA ALA B 149 -2.71 24.61 -8.77
C ALA B 149 -2.20 23.30 -9.38
N LYS B 150 -0.88 23.14 -9.43
CA LYS B 150 -0.25 21.95 -9.98
C LYS B 150 -0.59 21.70 -11.44
N SER B 151 -0.48 22.76 -12.25
CA SER B 151 -0.75 22.68 -13.68
C SER B 151 0.02 21.52 -14.30
N LEU B 152 -0.57 20.87 -15.29
CA LEU B 152 0.05 19.75 -15.95
C LEU B 152 1.37 20.06 -16.67
N MSE B 153 2.35 19.19 -16.46
CA MSE B 153 3.64 19.31 -17.13
C MSE B 153 3.96 17.95 -17.70
O MSE B 153 3.31 16.96 -17.39
CB MSE B 153 4.77 19.71 -16.17
CG MSE B 153 4.69 21.08 -15.50
SE MSE B 153 6.22 21.39 -14.34
CE MSE B 153 5.75 20.12 -12.92
N PHE B 154 5.01 17.89 -18.51
CA PHE B 154 5.41 16.65 -19.12
C PHE B 154 6.92 16.42 -19.02
N PHE B 155 7.31 15.18 -18.73
CA PHE B 155 8.73 14.84 -18.69
C PHE B 155 9.07 14.49 -20.14
N ALA B 156 10.30 14.74 -20.56
CA ALA B 156 10.74 14.39 -21.91
C ALA B 156 10.93 12.87 -21.81
N GLY B 157 10.03 12.10 -22.41
CA GLY B 157 10.11 10.66 -22.28
C GLY B 157 10.56 9.80 -23.45
N ILE B 158 11.05 8.63 -23.10
CA ILE B 158 11.52 7.65 -24.07
C ILE B 158 10.91 6.32 -23.65
N HIS B 159 10.31 5.60 -24.59
CA HIS B 159 9.70 4.32 -24.27
C HIS B 159 10.27 3.21 -25.10
N VAL B 160 10.11 1.99 -24.64
CA VAL B 160 10.58 0.83 -25.39
C VAL B 160 9.46 -0.20 -25.36
N PRO B 161 8.78 -0.39 -26.50
CA PRO B 161 7.68 -1.34 -26.63
C PRO B 161 8.05 -2.81 -26.58
N GLN B 162 7.17 -3.60 -25.98
CA GLN B 162 7.32 -5.05 -25.86
C GLN B 162 8.75 -5.51 -25.62
N TRP B 163 9.27 -5.17 -24.45
CA TRP B 163 10.63 -5.56 -24.10
C TRP B 163 10.59 -6.78 -23.18
N LYS B 164 11.32 -7.82 -23.55
CA LYS B 164 11.34 -9.04 -22.74
C LYS B 164 12.59 -9.14 -21.87
N SER B 165 12.37 -9.23 -20.57
CA SER B 165 13.47 -9.35 -19.63
C SER B 165 12.92 -9.76 -18.28
N VAL B 166 13.80 -9.97 -17.31
CA VAL B 166 13.38 -10.35 -15.97
C VAL B 166 13.37 -9.14 -15.05
N ARG B 167 12.22 -8.50 -14.90
CA ARG B 167 12.12 -7.32 -14.04
C ARG B 167 12.21 -7.73 -12.57
N LYS B 168 11.59 -8.86 -12.23
CA LYS B 168 11.62 -9.36 -10.86
C LYS B 168 11.76 -10.87 -10.90
N VAL B 169 12.78 -11.40 -10.23
CA VAL B 169 13.05 -12.83 -10.19
C VAL B 169 11.81 -13.68 -9.89
N ARG B 170 10.87 -13.11 -9.14
CA ARG B 170 9.65 -13.83 -8.78
C ARG B 170 8.71 -14.04 -9.96
N ASP B 171 8.65 -13.06 -10.87
CA ASP B 171 7.77 -13.17 -12.03
C ASP B 171 8.44 -13.87 -13.21
N GLY B 172 9.76 -13.98 -13.15
CA GLY B 172 10.48 -14.61 -14.24
C GLY B 172 10.65 -13.68 -15.43
N LEU B 173 10.59 -14.24 -16.63
CA LEU B 173 10.76 -13.48 -17.86
C LEU B 173 9.40 -12.96 -18.33
N THR B 174 9.31 -11.66 -18.59
CA THR B 174 8.06 -11.08 -19.05
C THR B 174 8.32 -10.01 -20.11
N THR B 175 7.33 -9.79 -20.95
CA THR B 175 7.42 -8.79 -22.01
C THR B 175 6.65 -7.57 -21.55
N ASP B 176 7.36 -6.47 -21.34
CA ASP B 176 6.72 -5.24 -20.86
C ASP B 176 7.03 -3.99 -21.69
N ASP B 177 6.08 -3.07 -21.77
CA ASP B 177 6.30 -1.80 -22.46
C ASP B 177 6.96 -0.94 -21.37
N LEU B 178 8.18 -0.50 -21.62
CA LEU B 178 8.92 0.29 -20.64
C LEU B 178 8.97 1.76 -20.99
N TYR B 179 9.47 2.57 -20.06
CA TYR B 179 9.60 3.99 -20.33
C TYR B 179 10.46 4.64 -19.26
N GLY B 180 10.99 5.81 -19.62
CA GLY B 180 11.82 6.58 -18.71
C GLY B 180 11.86 7.97 -19.31
N PHE B 181 12.51 8.92 -18.64
CA PHE B 181 12.61 10.27 -19.18
C PHE B 181 13.97 10.89 -18.92
N LEU B 182 14.31 11.91 -19.69
CA LEU B 182 15.61 12.57 -19.54
C LEU B 182 15.73 13.38 -18.27
N THR B 183 16.92 13.37 -17.70
CA THR B 183 17.20 14.12 -16.49
C THR B 183 18.34 15.07 -16.87
N THR B 184 18.62 16.06 -16.02
CA THR B 184 19.68 17.04 -16.28
C THR B 184 20.17 17.68 -15.00
N ASP B 185 20.99 18.72 -15.12
CA ASP B 185 21.52 19.43 -13.95
C ASP B 185 20.44 20.24 -13.26
N PRO B 186 20.46 20.26 -11.91
CA PRO B 186 19.48 21.03 -11.14
C PRO B 186 19.78 22.53 -11.14
N ASN B 187 18.73 23.34 -11.03
CA ASN B 187 18.90 24.78 -11.00
C ASN B 187 19.04 25.26 -9.55
N ASP B 188 19.03 26.57 -9.33
CA ASP B 188 19.21 27.10 -7.98
C ASP B 188 18.08 26.75 -7.05
N LEU B 189 16.95 26.31 -7.59
CA LEU B 189 15.84 25.93 -6.74
C LEU B 189 15.99 24.49 -6.26
N VAL B 190 16.44 23.62 -7.14
CA VAL B 190 16.59 22.22 -6.79
C VAL B 190 17.93 21.85 -6.14
N LYS B 191 19.02 22.32 -6.76
CA LYS B 191 20.37 22.02 -6.26
C LYS B 191 20.55 22.10 -4.75
N PRO B 192 20.10 23.20 -4.12
CA PRO B 192 20.22 23.37 -2.67
C PRO B 192 19.64 22.20 -1.90
N ILE B 193 18.65 21.53 -2.50
CA ILE B 193 17.99 20.42 -1.86
C ILE B 193 18.50 19.08 -2.39
N HIS B 194 18.74 19.05 -3.69
CA HIS B 194 19.19 17.85 -4.38
C HIS B 194 20.17 18.27 -5.48
N GLU B 195 21.43 17.90 -5.30
CA GLU B 195 22.48 18.28 -6.24
C GLU B 195 22.70 17.27 -7.36
N LYS B 196 22.29 16.03 -7.13
CA LYS B 196 22.46 14.99 -8.14
C LYS B 196 21.95 15.45 -9.52
N ALA B 197 20.70 15.92 -9.57
CA ALA B 197 20.13 16.38 -10.84
C ALA B 197 18.65 16.75 -10.69
N MSE B 198 18.05 17.16 -11.81
CA MSE B 198 16.63 17.50 -11.84
C MSE B 198 16.09 16.93 -13.16
O MSE B 198 16.84 16.70 -14.10
CB MSE B 198 16.40 19.02 -11.78
CG MSE B 198 16.47 19.76 -13.11
SE MSE B 198 16.18 21.68 -12.93
CE MSE B 198 14.26 21.65 -12.58
N PRO B 199 14.77 16.69 -13.22
CA PRO B 199 14.17 16.15 -14.44
C PRO B 199 14.00 17.20 -15.52
N VAL B 200 14.07 16.75 -16.77
CA VAL B 200 13.87 17.65 -17.90
C VAL B 200 12.36 17.81 -17.99
N LEU B 201 11.89 19.05 -18.09
CA LEU B 201 10.46 19.31 -18.15
C LEU B 201 10.02 20.16 -19.33
N LEU B 202 8.91 19.80 -19.94
CA LEU B 202 8.33 20.52 -21.08
C LEU B 202 7.10 21.22 -20.49
N LEU B 203 6.98 22.51 -20.69
CA LEU B 203 5.88 23.27 -20.12
C LEU B 203 4.86 23.81 -21.11
N THR B 204 5.24 23.92 -22.37
CA THR B 204 4.35 24.44 -23.40
C THR B 204 3.99 23.38 -24.42
N ARG B 205 2.85 23.57 -25.08
CA ARG B 205 2.41 22.63 -26.11
C ARG B 205 3.40 22.61 -27.26
N GLU B 206 4.05 23.75 -27.50
CA GLU B 206 5.03 23.85 -28.58
C GLU B 206 6.27 23.03 -28.29
N GLU B 207 6.63 22.93 -27.02
CA GLU B 207 7.79 22.14 -26.64
C GLU B 207 7.42 20.67 -26.78
N THR B 208 6.21 20.28 -26.39
CA THR B 208 5.81 18.87 -26.50
C THR B 208 5.84 18.39 -27.94
N GLU B 209 5.40 19.23 -28.87
CA GLU B 209 5.39 18.86 -30.29
C GLU B 209 6.82 18.62 -30.81
N ILE B 210 7.74 19.50 -30.44
CA ILE B 210 9.14 19.38 -30.85
C ILE B 210 9.70 18.05 -30.35
N TRP B 211 9.31 17.65 -29.15
CA TRP B 211 9.81 16.40 -28.58
C TRP B 211 9.18 15.16 -29.19
N MSE B 212 7.99 15.31 -29.77
CA MSE B 212 7.27 14.21 -30.40
C MSE B 212 7.39 14.20 -31.93
O MSE B 212 6.73 13.40 -32.59
CB MSE B 212 5.78 14.26 -30.04
CG MSE B 212 5.47 14.02 -28.57
SE MSE B 212 5.75 12.19 -28.03
CE MSE B 212 3.99 11.50 -28.37
N ARG B 213 8.22 15.06 -32.50
CA ARG B 213 8.36 15.07 -33.96
C ARG B 213 9.78 15.39 -34.42
N ALA B 214 10.26 16.58 -34.07
CA ALA B 214 11.59 17.02 -34.45
C ALA B 214 12.68 15.96 -34.25
N PRO B 215 13.67 15.92 -35.16
CA PRO B 215 14.79 14.96 -35.08
C PRO B 215 15.59 15.17 -33.80
N TRP B 216 16.30 14.13 -33.39
CA TRP B 216 17.08 14.19 -32.17
C TRP B 216 18.01 15.40 -32.03
N ASP B 217 18.78 15.69 -33.07
CA ASP B 217 19.70 16.82 -33.02
C ASP B 217 19.03 18.10 -32.55
N GLU B 218 17.77 18.26 -32.92
CA GLU B 218 17.01 19.44 -32.53
C GLU B 218 16.34 19.22 -31.17
N ALA B 219 15.49 18.19 -31.12
CA ALA B 219 14.76 17.85 -29.91
C ALA B 219 15.62 17.72 -28.66
N LYS B 220 16.84 17.24 -28.82
CA LYS B 220 17.75 17.05 -27.69
C LYS B 220 18.14 18.36 -27.01
N HIS B 221 17.78 19.47 -27.63
CA HIS B 221 18.11 20.78 -27.08
C HIS B 221 17.19 21.18 -25.92
N LEU B 222 16.14 20.41 -25.70
CA LEU B 222 15.22 20.67 -24.61
C LEU B 222 15.74 20.07 -23.31
N ALA B 223 16.78 19.24 -23.44
CA ALA B 223 17.38 18.59 -22.28
C ALA B 223 18.20 19.56 -21.45
N ARG B 224 17.59 20.68 -21.12
CA ARG B 224 18.25 21.70 -20.32
C ARG B 224 17.42 21.95 -19.07
N PRO B 225 18.05 22.46 -18.01
CA PRO B 225 17.34 22.73 -16.76
C PRO B 225 16.39 23.92 -16.91
N LEU B 226 15.25 23.87 -16.24
CA LEU B 226 14.28 24.94 -16.31
C LEU B 226 14.76 26.17 -15.55
N PRO B 227 14.28 27.37 -15.93
CA PRO B 227 14.67 28.60 -15.23
C PRO B 227 14.38 28.46 -13.74
N ASN B 228 15.02 29.29 -12.92
CA ASN B 228 14.82 29.20 -11.48
C ASN B 228 13.40 29.54 -11.04
N ASP B 229 12.77 30.49 -11.73
CA ASP B 229 11.42 30.87 -11.36
C ASP B 229 10.30 30.11 -12.08
N ALA B 230 10.65 29.06 -12.83
CA ALA B 230 9.63 28.30 -13.54
C ALA B 230 8.85 27.38 -12.61
N LEU B 231 9.46 26.97 -11.50
CA LEU B 231 8.81 26.10 -10.52
C LEU B 231 8.77 26.69 -9.12
N ILE B 232 8.08 25.99 -8.21
CA ILE B 232 7.98 26.39 -6.81
C ILE B 232 8.10 25.16 -5.94
N ILE B 233 8.30 25.36 -4.64
CA ILE B 233 8.38 24.25 -3.70
C ILE B 233 7.00 24.16 -3.08
N LEU B 234 6.18 23.27 -3.63
CA LEU B 234 4.82 23.11 -3.17
C LEU B 234 4.73 22.59 -1.75
N SER B 235 5.61 21.67 -1.37
CA SER B 235 5.57 21.13 -0.02
C SER B 235 6.75 20.25 0.32
N ARG B 236 6.89 19.96 1.62
CA ARG B 236 7.94 19.07 2.11
C ARG B 236 7.22 18.02 2.92
N GLU B 237 7.20 16.79 2.43
CA GLU B 237 6.51 15.71 3.11
C GLU B 237 7.49 14.63 3.53
N PRO B 238 7.13 13.81 4.53
CA PRO B 238 8.00 12.73 5.00
C PRO B 238 8.04 11.56 4.03
N TYR B 239 8.95 10.63 4.28
CA TYR B 239 9.07 9.47 3.42
C TYR B 239 7.82 8.62 3.56
N GLY B 240 7.30 8.13 2.44
CA GLY B 240 6.11 7.30 2.49
C GLY B 240 4.82 8.10 2.32
N SER B 241 4.94 9.42 2.30
CA SER B 241 3.76 10.26 2.12
C SER B 241 3.16 10.03 0.73
N SER B 242 1.89 9.65 0.70
CA SER B 242 1.18 9.39 -0.54
C SER B 242 -0.15 10.13 -0.63
N ILE B 243 -0.55 10.42 -1.87
CA ILE B 243 -1.80 11.11 -2.16
C ILE B 243 -2.88 10.07 -2.44
N VAL B 244 -2.47 8.89 -2.89
CA VAL B 244 -3.41 7.82 -3.19
C VAL B 244 -3.60 6.91 -1.98
N CYS C 2 -24.95 -0.02 -4.68
CA CYS C 2 -24.84 1.29 -5.37
C CYS C 2 -24.59 2.40 -4.35
N ASN C 3 -23.44 2.31 -3.68
CA ASN C 3 -23.06 3.26 -2.66
C ASN C 3 -21.84 4.11 -2.95
N LEU C 4 -21.56 4.29 -4.24
CA LEU C 4 -20.42 5.08 -4.66
C LEU C 4 -20.60 5.56 -6.10
N TYR C 5 -20.53 6.86 -6.31
CA TYR C 5 -20.65 7.38 -7.65
C TYR C 5 -19.95 8.71 -7.80
N ARG C 6 -19.87 9.20 -9.03
CA ARG C 6 -19.21 10.47 -9.30
C ARG C 6 -20.11 11.42 -10.09
N MSE C 7 -19.76 12.70 -10.00
CA MSE C 7 -20.48 13.77 -10.68
C MSE C 7 -19.37 14.71 -11.11
O MSE C 7 -18.75 15.37 -10.28
CB MSE C 7 -21.43 14.47 -9.72
CG MSE C 7 -22.78 14.76 -10.34
SE MSE C 7 -22.64 15.71 -12.01
CE MSE C 7 -22.36 17.49 -11.29
N GLU C 8 -19.14 14.80 -12.42
CA GLU C 8 -18.06 15.63 -12.93
C GLU C 8 -18.47 16.60 -14.01
N ASP C 9 -19.75 16.60 -14.37
CA ASP C 9 -20.20 17.52 -15.41
C ASP C 9 -20.07 18.94 -14.86
N LYS C 10 -19.23 19.73 -15.53
CA LYS C 10 -18.96 21.11 -15.14
C LYS C 10 -20.00 22.12 -15.59
N ASP C 11 -20.82 21.72 -16.55
CA ASP C 11 -21.85 22.61 -17.08
C ASP C 11 -23.12 21.83 -17.44
N TRP C 12 -24.07 21.85 -16.52
CA TRP C 12 -25.32 21.13 -16.74
C TRP C 12 -26.51 21.87 -16.18
N VAL C 13 -26.27 22.68 -15.16
CA VAL C 13 -27.34 23.42 -14.54
C VAL C 13 -28.19 24.16 -15.57
N SER C 14 -27.52 24.90 -16.44
CA SER C 14 -28.18 25.67 -17.49
C SER C 14 -29.19 24.89 -18.36
N LYS C 15 -28.84 23.67 -18.76
CA LYS C 15 -29.73 22.88 -19.60
C LYS C 15 -30.61 21.88 -18.87
N TRP C 16 -30.33 21.61 -17.61
CA TRP C 16 -31.16 20.65 -16.90
C TRP C 16 -31.98 21.24 -15.75
N ALA C 17 -31.52 22.32 -15.16
CA ALA C 17 -32.24 22.91 -14.04
C ALA C 17 -32.35 24.43 -14.16
N GLN C 18 -32.82 24.89 -15.32
CA GLN C 18 -32.96 26.31 -15.57
C GLN C 18 -34.12 26.95 -14.81
N ASP C 19 -35.05 26.13 -14.34
CA ASP C 19 -36.18 26.66 -13.62
C ASP C 19 -36.14 26.30 -12.13
N ALA C 20 -34.97 25.88 -11.66
CA ALA C 20 -34.82 25.53 -10.25
C ALA C 20 -34.12 26.66 -9.49
N GLU C 21 -34.58 26.93 -8.27
CA GLU C 21 -33.99 27.98 -7.45
C GLU C 21 -32.64 27.53 -6.92
N SER C 22 -31.57 28.04 -7.50
CA SER C 22 -30.24 27.65 -7.04
C SER C 22 -29.82 28.53 -5.88
N LEU C 23 -29.10 27.95 -4.94
CA LEU C 23 -28.64 28.75 -3.81
C LEU C 23 -27.49 28.04 -3.11
N ILE C 24 -26.69 27.35 -3.92
CA ILE C 24 -25.53 26.64 -3.42
C ILE C 24 -24.35 26.81 -4.39
N ASN C 25 -23.14 26.64 -3.87
CA ASN C 25 -21.94 26.72 -4.69
C ASN C 25 -21.63 25.30 -5.12
N LEU C 26 -21.94 25.01 -6.38
CA LEU C 26 -21.74 23.70 -6.95
C LEU C 26 -20.25 23.41 -7.10
N MSE C 27 -19.81 22.29 -6.54
CA MSE C 27 -18.41 21.92 -6.61
C MSE C 27 -18.10 21.44 -8.02
O MSE C 27 -18.98 20.98 -8.74
CB MSE C 27 -18.11 20.81 -5.60
CG MSE C 27 -16.75 20.90 -4.93
SE MSE C 27 -16.63 22.29 -3.56
CE MSE C 27 -17.77 21.45 -2.22
N PRO C 28 -16.83 21.54 -8.43
CA PRO C 28 -16.48 21.10 -9.78
C PRO C 28 -16.70 19.61 -10.01
N ALA C 29 -16.24 18.81 -9.06
CA ALA C 29 -16.36 17.37 -9.16
C ALA C 29 -16.86 16.77 -7.85
N TYR C 30 -17.51 15.63 -7.96
CA TYR C 30 -18.03 14.93 -6.78
C TYR C 30 -17.75 13.44 -6.81
N GLN C 31 -17.30 12.92 -5.68
CA GLN C 31 -17.11 11.50 -5.54
C GLN C 31 -17.90 11.21 -4.26
N MSE C 32 -19.16 10.83 -4.47
CA MSE C 32 -20.10 10.57 -3.39
C MSE C 32 -19.98 9.25 -2.65
O MSE C 32 -19.75 8.19 -3.24
CB MSE C 32 -21.53 10.71 -3.94
CG MSE C 32 -21.88 12.12 -4.45
SE MSE C 32 -21.61 13.48 -3.08
CE MSE C 32 -22.74 12.71 -1.69
N ASN C 33 -20.14 9.34 -1.34
CA ASN C 33 -20.09 8.19 -0.46
C ASN C 33 -21.26 8.40 0.48
N PRO C 34 -21.76 7.32 1.12
CA PRO C 34 -22.88 7.40 2.05
C PRO C 34 -22.74 8.50 3.10
N ASP C 35 -23.87 9.15 3.39
CA ASP C 35 -23.96 10.23 4.37
C ASP C 35 -23.16 11.50 4.07
N GLN C 36 -22.66 11.66 2.86
CA GLN C 36 -21.95 12.89 2.52
C GLN C 36 -22.94 13.81 1.81
N MSE C 37 -22.53 15.06 1.60
CA MSE C 37 -23.38 16.06 0.95
C MSE C 37 -23.26 16.02 -0.57
O MSE C 37 -22.18 16.18 -1.14
CB MSE C 37 -22.99 17.47 1.45
CG MSE C 37 -23.20 17.70 2.94
SE MSE C 37 -25.03 17.49 3.52
CE MSE C 37 -25.80 19.05 2.68
N GLY C 38 -24.38 15.81 -1.24
CA GLY C 38 -24.39 15.74 -2.69
C GLY C 38 -25.41 16.64 -3.36
N PRO C 39 -25.18 17.03 -4.62
CA PRO C 39 -26.10 17.88 -5.36
C PRO C 39 -27.35 17.18 -5.86
N ILE C 40 -28.49 17.86 -5.76
CA ILE C 40 -29.73 17.29 -6.26
C ILE C 40 -30.65 18.41 -6.68
N VAL C 41 -31.63 18.09 -7.50
CA VAL C 41 -32.63 19.03 -7.95
C VAL C 41 -33.90 18.45 -7.38
N ARG C 42 -34.45 19.11 -6.37
CA ARG C 42 -35.64 18.60 -5.72
C ARG C 42 -36.88 19.44 -5.93
N ASN C 43 -38.05 18.81 -5.77
CA ASN C 43 -39.30 19.55 -5.88
C ASN C 43 -39.55 20.01 -4.46
N THR C 44 -40.49 20.92 -4.30
CA THR C 44 -40.82 21.43 -3.00
C THR C 44 -42.32 21.31 -2.83
N ALA C 45 -42.78 21.42 -1.59
CA ALA C 45 -44.20 21.34 -1.28
C ALA C 45 -44.87 22.60 -1.81
N ASP C 46 -44.07 23.57 -2.24
CA ASP C 46 -44.57 24.84 -2.79
C ASP C 46 -44.80 24.65 -4.28
N GLY C 47 -44.46 23.47 -4.79
CA GLY C 47 -44.65 23.18 -6.19
C GLY C 47 -43.60 23.86 -7.05
N LYS C 48 -42.41 23.99 -6.48
CA LYS C 48 -41.31 24.61 -7.19
C LYS C 48 -40.13 23.67 -7.13
N LYS C 49 -39.00 24.08 -7.72
CA LYS C 49 -37.80 23.25 -7.73
C LYS C 49 -36.57 23.99 -7.23
N GLN C 50 -35.71 23.26 -6.51
CA GLN C 50 -34.50 23.83 -5.95
C GLN C 50 -33.25 22.96 -6.16
N LEU C 51 -32.15 23.60 -6.52
CA LEU C 51 -30.88 22.90 -6.69
C LEU C 51 -30.26 23.09 -5.30
N VAL C 52 -29.94 22.00 -4.61
CA VAL C 52 -29.37 22.09 -3.28
C VAL C 52 -28.49 20.91 -2.95
N HIS C 53 -27.79 21.02 -1.82
CA HIS C 53 -26.95 19.94 -1.34
C HIS C 53 -27.74 19.21 -0.26
N ALA C 54 -27.76 17.88 -0.31
CA ALA C 54 -28.47 17.12 0.70
C ALA C 54 -27.59 15.93 1.08
N ARG C 55 -27.84 15.40 2.27
CA ARG C 55 -27.11 14.28 2.84
C ARG C 55 -27.68 12.97 2.28
N TRP C 56 -26.81 12.17 1.67
CA TRP C 56 -27.17 10.90 1.03
C TRP C 56 -27.50 9.77 2.01
N GLY C 57 -28.79 9.43 2.08
CA GLY C 57 -29.22 8.38 2.97
C GLY C 57 -30.52 8.75 3.65
N LEU C 58 -31.60 8.14 3.18
CA LEU C 58 -32.92 8.36 3.70
C LEU C 58 -33.06 7.73 5.08
N PRO C 59 -34.12 8.07 5.81
CA PRO C 59 -34.37 7.53 7.16
C PRO C 59 -34.52 6.02 7.16
N SER C 60 -34.06 5.36 8.21
CA SER C 60 -34.18 3.92 8.28
C SER C 60 -35.54 3.58 8.85
N PRO C 61 -36.07 2.39 8.53
CA PRO C 61 -37.38 1.94 9.01
C PRO C 61 -37.47 2.02 10.54
N ILE C 62 -38.59 2.56 11.03
CA ILE C 62 -38.81 2.72 12.47
C ILE C 62 -38.46 1.46 13.26
N PHE C 63 -38.82 0.28 12.76
CA PHE C 63 -38.51 -0.96 13.48
C PHE C 63 -37.02 -1.27 13.47
N VAL C 64 -36.31 -0.83 12.43
CA VAL C 64 -34.88 -1.04 12.35
C VAL C 64 -34.20 -0.22 13.45
N GLN C 65 -34.69 1.00 13.63
CA GLN C 65 -34.14 1.87 14.65
C GLN C 65 -34.47 1.37 16.05
N LYS C 66 -35.70 0.92 16.25
CA LYS C 66 -36.14 0.43 17.56
C LYS C 66 -35.33 -0.79 17.98
N LYS C 67 -35.24 -1.75 17.08
CA LYS C 67 -34.51 -2.99 17.34
C LYS C 67 -33.09 -2.66 17.77
N ALA C 68 -32.47 -1.68 17.10
CA ALA C 68 -31.12 -1.27 17.42
C ALA C 68 -31.06 -0.61 18.80
N ALA C 69 -32.10 0.17 19.12
CA ALA C 69 -32.18 0.87 20.40
C ALA C 69 -32.37 -0.11 21.54
N GLU C 70 -33.19 -1.14 21.33
CA GLU C 70 -33.44 -2.15 22.34
C GLU C 70 -32.18 -2.97 22.57
N ALA C 71 -31.48 -3.26 21.48
CA ALA C 71 -30.25 -4.05 21.57
C ALA C 71 -29.23 -3.25 22.37
N ARG C 72 -29.23 -1.94 22.20
CA ARG C 72 -28.30 -1.07 22.90
C ARG C 72 -28.66 -1.07 24.39
N ALA C 73 -29.96 -1.01 24.67
CA ALA C 73 -30.43 -1.00 26.05
C ALA C 73 -30.00 -2.28 26.77
N ASP C 74 -30.03 -3.40 26.06
CA ASP C 74 -29.64 -4.68 26.65
C ASP C 74 -28.18 -4.66 27.09
N LYS C 75 -27.33 -4.08 26.24
CA LYS C 75 -25.91 -3.96 26.49
C LYS C 75 -25.67 -3.07 27.72
N LEU C 76 -26.36 -1.94 27.79
CA LEU C 76 -26.21 -1.03 28.92
C LEU C 76 -26.75 -1.69 30.18
N LYS C 77 -27.80 -2.48 30.01
CA LYS C 77 -28.42 -3.19 31.12
C LYS C 77 -27.41 -4.21 31.67
N ALA C 78 -26.69 -4.89 30.77
CA ALA C 78 -25.69 -5.86 31.18
C ALA C 78 -24.56 -5.18 31.94
N LYS C 79 -24.17 -3.99 31.47
CA LYS C 79 -23.10 -3.24 32.11
C LYS C 79 -23.63 -2.56 33.37
N GLY C 80 -24.93 -2.75 33.62
CA GLY C 80 -25.55 -2.14 34.78
C GLY C 80 -25.66 -0.63 34.68
N LYS C 81 -25.98 -0.13 33.49
CA LYS C 81 -26.11 1.31 33.30
C LYS C 81 -27.56 1.74 33.10
N ALA C 82 -27.89 2.93 33.58
CA ALA C 82 -29.25 3.46 33.46
C ALA C 82 -29.56 3.85 32.01
N PHE C 83 -30.82 3.69 31.61
CA PHE C 83 -31.22 4.03 30.25
C PHE C 83 -32.71 4.27 30.18
N ASP C 84 -33.17 4.83 29.06
CA ASP C 84 -34.58 5.10 28.84
C ASP C 84 -34.87 4.80 27.37
N ILE C 85 -35.48 3.65 27.11
CA ILE C 85 -35.80 3.23 25.76
C ILE C 85 -36.28 4.36 24.86
N ASN C 86 -37.27 5.11 25.34
CA ASN C 86 -37.81 6.22 24.56
C ASN C 86 -36.73 7.21 24.17
N GLU C 87 -35.86 7.54 25.13
CA GLU C 87 -34.79 8.50 24.90
C GLU C 87 -33.71 7.82 24.05
N LEU C 88 -33.61 6.50 24.20
CA LEU C 88 -32.63 5.71 23.47
C LEU C 88 -33.01 5.65 22.00
N ILE C 89 -34.32 5.57 21.73
CA ILE C 89 -34.84 5.53 20.37
C ILE C 89 -34.60 6.86 19.67
N ARG C 90 -34.66 7.94 20.44
CA ARG C 90 -34.44 9.28 19.86
C ARG C 90 -33.00 9.47 19.43
N MSE C 91 -32.07 9.01 20.27
CA MSE C 91 -30.65 9.16 20.02
C MSE C 91 -30.03 8.04 19.21
O MSE C 91 -28.86 8.10 18.86
CB MSE C 91 -29.89 9.28 21.35
CG MSE C 91 -30.34 10.43 22.24
SE MSE C 91 -30.38 12.14 21.32
CE MSE C 91 -32.29 12.43 21.34
N GLU C 92 -30.81 7.02 18.89
CA GLU C 92 -30.26 5.91 18.13
C GLU C 92 -29.70 6.36 16.78
N PRO C 93 -28.39 6.21 16.60
CA PRO C 93 -27.72 6.59 15.35
C PRO C 93 -28.40 5.98 14.12
N ASP C 94 -28.59 6.80 13.09
CA ASP C 94 -29.19 6.34 11.85
C ASP C 94 -28.19 6.61 10.74
N ARG C 95 -27.62 5.53 10.18
CA ARG C 95 -26.64 5.64 9.12
C ARG C 95 -27.24 6.14 7.81
N GLY C 96 -28.53 5.87 7.61
CA GLY C 96 -29.20 6.30 6.39
C GLY C 96 -29.34 5.17 5.38
N VAL C 97 -30.31 5.30 4.49
CA VAL C 97 -30.52 4.29 3.46
C VAL C 97 -30.30 5.01 2.14
N THR C 98 -29.26 4.59 1.43
CA THR C 98 -28.91 5.18 0.14
C THR C 98 -29.72 4.69 -1.05
N ASN C 99 -30.28 3.49 -0.94
CA ASN C 99 -31.04 2.91 -2.05
C ASN C 99 -32.43 2.45 -1.65
N VAL C 100 -33.40 2.70 -2.53
CA VAL C 100 -34.80 2.30 -2.37
C VAL C 100 -35.07 1.22 -3.41
N ARG C 101 -35.25 -0.02 -2.96
CA ARG C 101 -35.46 -1.16 -3.86
C ARG C 101 -36.89 -1.72 -3.90
N LYS C 102 -37.43 -2.08 -2.73
CA LYS C 102 -38.78 -2.63 -2.64
C LYS C 102 -39.81 -1.52 -2.58
N LEU C 103 -40.38 -1.19 -3.73
CA LEU C 103 -41.37 -0.12 -3.83
C LEU C 103 -42.69 -0.43 -3.16
N ASN C 104 -42.81 -1.61 -2.55
CA ASN C 104 -44.05 -1.98 -1.89
C ASN C 104 -43.93 -1.91 -0.37
N LEU C 105 -42.74 -1.60 0.13
CA LEU C 105 -42.51 -1.52 1.56
C LEU C 105 -43.24 -0.33 2.14
N PRO C 106 -44.06 -0.55 3.18
CA PRO C 106 -44.82 0.51 3.82
C PRO C 106 -43.98 1.73 4.18
N HIS C 107 -42.73 1.49 4.55
CA HIS C 107 -41.83 2.57 4.95
C HIS C 107 -41.64 3.65 3.90
N TRP C 108 -41.58 3.26 2.64
CA TRP C 108 -41.36 4.25 1.59
C TRP C 108 -42.63 4.93 1.08
N THR C 109 -43.78 4.27 1.24
CA THR C 109 -45.05 4.79 0.73
C THR C 109 -45.38 6.26 1.03
N ARG C 110 -44.83 6.80 2.12
CA ARG C 110 -45.10 8.18 2.50
C ARG C 110 -44.33 9.21 1.70
N TRP C 111 -43.26 8.78 1.02
CA TRP C 111 -42.45 9.70 0.26
C TRP C 111 -42.48 9.50 -1.25
N PHE C 112 -43.60 9.03 -1.78
CA PHE C 112 -43.72 8.81 -3.22
C PHE C 112 -44.47 9.95 -3.90
N GLY C 113 -44.90 10.93 -3.12
CA GLY C 113 -45.61 12.05 -3.70
C GLY C 113 -44.64 12.88 -4.52
N VAL C 114 -45.19 13.68 -5.41
CA VAL C 114 -44.41 14.55 -6.30
C VAL C 114 -43.48 15.50 -5.54
N GLU C 115 -43.94 16.05 -4.43
CA GLU C 115 -43.12 17.00 -3.68
C GLU C 115 -41.82 16.39 -3.09
N HIS C 116 -41.73 15.05 -3.06
CA HIS C 116 -40.55 14.35 -2.55
C HIS C 116 -39.67 13.73 -3.62
N ARG C 117 -39.85 14.15 -4.87
CA ARG C 117 -39.06 13.60 -5.96
C ARG C 117 -37.84 14.49 -6.20
N CYS C 118 -36.70 13.87 -6.51
CA CYS C 118 -35.55 14.69 -6.84
C CYS C 118 -34.76 13.95 -7.91
N LEU C 119 -33.92 14.69 -8.62
CA LEU C 119 -33.06 14.15 -9.65
C LEU C 119 -31.65 14.15 -9.05
N VAL C 120 -30.94 13.05 -9.19
CA VAL C 120 -29.58 12.96 -8.66
C VAL C 120 -28.59 12.87 -9.81
N PRO C 121 -27.97 14.00 -10.18
CA PRO C 121 -26.99 14.06 -11.27
C PRO C 121 -25.81 13.13 -10.98
N VAL C 122 -25.44 12.34 -11.98
CA VAL C 122 -24.32 11.41 -11.88
C VAL C 122 -23.69 11.19 -13.26
N THR C 123 -22.36 11.10 -13.30
CA THR C 123 -21.65 10.87 -14.55
C THR C 123 -21.06 9.45 -14.63
N SER C 124 -20.94 8.80 -13.49
CA SER C 124 -20.46 7.41 -13.45
C SER C 124 -20.72 6.86 -12.04
N PHE C 125 -21.00 5.56 -11.95
CA PHE C 125 -21.28 4.94 -10.66
C PHE C 125 -20.50 3.64 -10.50
N ALA C 126 -20.12 3.33 -9.27
CA ALA C 126 -19.36 2.12 -9.01
C ALA C 126 -20.10 0.93 -8.42
N GLU C 127 -19.62 -0.25 -8.75
CA GLU C 127 -20.17 -1.47 -8.19
C GLU C 127 -18.99 -2.32 -7.72
N PRO C 128 -19.10 -2.91 -6.52
CA PRO C 128 -18.00 -3.74 -6.03
C PRO C 128 -17.73 -4.87 -7.03
N ASP C 129 -16.46 -5.06 -7.35
CA ASP C 129 -16.03 -6.11 -8.30
C ASP C 129 -15.08 -7.08 -7.59
N PRO C 130 -15.65 -7.97 -6.75
CA PRO C 130 -14.83 -8.95 -6.03
C PRO C 130 -14.13 -9.95 -6.95
N ALA C 131 -14.63 -10.08 -8.17
CA ALA C 131 -14.04 -11.00 -9.14
C ALA C 131 -12.66 -10.53 -9.57
N SER C 132 -12.38 -9.25 -9.40
CA SER C 132 -11.09 -8.68 -9.78
C SER C 132 -10.15 -8.45 -8.59
N LYS C 133 -10.55 -8.92 -7.43
CA LYS C 133 -9.74 -8.76 -6.24
C LYS C 133 -8.44 -9.53 -6.39
N GLN C 134 -7.35 -8.99 -5.84
CA GLN C 134 -6.06 -9.66 -5.91
C GLN C 134 -5.95 -10.63 -4.74
N GLU C 135 -4.77 -11.20 -4.55
CA GLU C 135 -4.53 -12.17 -3.48
C GLU C 135 -4.98 -11.64 -2.12
N GLY C 136 -4.16 -10.80 -1.51
CA GLY C 136 -4.52 -10.26 -0.21
C GLY C 136 -4.83 -8.77 -0.29
N GLY C 137 -5.51 -8.38 -1.36
CA GLY C 137 -5.86 -6.98 -1.53
C GLY C 137 -7.31 -6.65 -1.28
N ASN C 138 -7.61 -5.37 -1.27
CA ASN C 138 -8.97 -4.91 -1.05
C ASN C 138 -9.82 -5.11 -2.29
N VAL C 139 -11.13 -5.14 -2.08
CA VAL C 139 -12.09 -5.31 -3.15
C VAL C 139 -12.14 -4.05 -4.01
N PRO C 140 -11.87 -4.19 -5.31
CA PRO C 140 -11.87 -3.08 -6.26
C PRO C 140 -13.30 -2.83 -6.76
N ASN C 141 -13.49 -1.78 -7.56
CA ASN C 141 -14.81 -1.47 -8.10
C ASN C 141 -14.82 -1.49 -9.62
N ALA C 142 -16.01 -1.47 -10.20
CA ALA C 142 -16.14 -1.40 -11.66
C ALA C 142 -16.93 -0.12 -11.86
N TRP C 143 -16.44 0.77 -12.72
CA TRP C 143 -17.13 2.02 -12.95
C TRP C 143 -17.89 2.01 -14.26
N PHE C 144 -19.18 2.32 -14.18
CA PHE C 144 -20.06 2.34 -15.33
C PHE C 144 -20.38 3.77 -15.75
N ALA C 145 -20.68 3.95 -17.03
CA ALA C 145 -21.02 5.27 -17.55
C ALA C 145 -21.87 5.16 -18.79
N ARG C 146 -22.47 6.27 -19.17
CA ARG C 146 -23.30 6.31 -20.37
C ARG C 146 -22.40 6.14 -21.58
N ASP C 147 -21.27 6.84 -21.57
CA ASP C 147 -20.30 6.76 -22.67
C ASP C 147 -18.93 7.14 -22.14
N GLU C 148 -17.94 7.14 -23.02
CA GLU C 148 -16.58 7.50 -22.61
C GLU C 148 -16.50 8.96 -22.19
N ALA C 149 -17.42 9.78 -22.69
CA ALA C 149 -17.45 11.20 -22.34
C ALA C 149 -18.19 11.38 -21.01
N LYS C 150 -18.77 10.30 -20.51
CA LYS C 150 -19.49 10.37 -19.24
C LYS C 150 -20.60 11.40 -19.31
N SER C 151 -21.50 11.21 -20.28
CA SER C 151 -22.62 12.14 -20.44
C SER C 151 -23.48 12.09 -19.20
N LEU C 152 -23.96 13.27 -18.79
CA LEU C 152 -24.78 13.37 -17.61
C LEU C 152 -25.98 12.42 -17.60
N MSE C 153 -26.21 11.82 -16.44
CA MSE C 153 -27.35 10.92 -16.24
C MSE C 153 -27.99 11.36 -14.93
O MSE C 153 -27.47 12.24 -14.26
CB MSE C 153 -26.89 9.46 -16.11
CG MSE C 153 -26.46 8.79 -17.41
SE MSE C 153 -25.93 6.93 -17.13
CE MSE C 153 -27.65 6.07 -17.09
N PHE C 154 -29.10 10.75 -14.57
CA PHE C 154 -29.78 11.10 -13.32
C PHE C 154 -30.36 9.88 -12.63
N PHE C 155 -30.14 9.79 -11.32
CA PHE C 155 -30.72 8.69 -10.55
C PHE C 155 -32.15 9.13 -10.29
N ALA C 156 -33.06 8.18 -10.13
CA ALA C 156 -34.46 8.49 -9.84
C ALA C 156 -34.45 8.64 -8.33
N GLY C 157 -34.33 9.88 -7.88
CA GLY C 157 -34.25 10.11 -6.46
C GLY C 157 -35.47 10.49 -5.67
N ILE C 158 -35.33 10.33 -4.36
CA ILE C 158 -36.35 10.66 -3.40
C ILE C 158 -35.66 11.42 -2.26
N HIS C 159 -36.24 12.55 -1.85
CA HIS C 159 -35.64 13.33 -0.77
C HIS C 159 -36.61 13.56 0.38
N VAL C 160 -36.05 13.78 1.56
CA VAL C 160 -36.81 14.03 2.77
C VAL C 160 -36.19 15.25 3.40
N PRO C 161 -36.90 16.38 3.37
CA PRO C 161 -36.42 17.63 3.95
C PRO C 161 -36.48 17.70 5.48
N GLN C 162 -35.57 18.48 6.06
CA GLN C 162 -35.47 18.71 7.49
C GLN C 162 -35.80 17.51 8.37
N TRP C 163 -34.99 16.47 8.28
CA TRP C 163 -35.22 15.29 9.10
C TRP C 163 -34.32 15.32 10.32
N LYS C 164 -34.89 15.10 11.49
CA LYS C 164 -34.12 15.16 12.71
C LYS C 164 -33.71 13.76 13.17
N SER C 165 -32.43 13.60 13.47
CA SER C 165 -31.96 12.29 13.92
C SER C 165 -30.47 12.37 14.13
N VAL C 166 -29.92 11.36 14.81
CA VAL C 166 -28.49 11.30 15.01
C VAL C 166 -27.88 10.54 13.83
N ARG C 167 -27.12 11.22 12.99
CA ARG C 167 -26.49 10.54 11.85
C ARG C 167 -25.16 9.98 12.36
N LYS C 168 -24.44 10.80 13.11
CA LYS C 168 -23.17 10.39 13.69
C LYS C 168 -23.23 10.72 15.18
N VAL C 169 -23.00 9.69 15.99
CA VAL C 169 -23.04 9.82 17.43
C VAL C 169 -22.31 11.05 17.93
N ARG C 170 -21.17 11.36 17.32
CA ARG C 170 -20.38 12.52 17.71
C ARG C 170 -21.14 13.84 17.57
N ASP C 171 -21.79 14.04 16.43
CA ASP C 171 -22.52 15.27 16.17
C ASP C 171 -23.83 15.37 16.93
N GLY C 172 -24.28 14.24 17.48
CA GLY C 172 -25.53 14.25 18.21
C GLY C 172 -26.75 14.37 17.32
N LEU C 173 -27.82 14.95 17.86
CA LEU C 173 -29.06 15.13 17.12
C LEU C 173 -28.94 16.30 16.16
N THR C 174 -29.23 16.08 14.88
CA THR C 174 -29.15 17.15 13.89
C THR C 174 -30.34 17.08 12.94
N THR C 175 -30.59 18.17 12.22
CA THR C 175 -31.68 18.26 11.25
C THR C 175 -31.04 18.37 9.86
N ASP C 176 -31.33 17.42 8.99
CA ASP C 176 -30.72 17.41 7.66
C ASP C 176 -31.68 17.15 6.53
N ASP C 177 -31.37 17.70 5.36
CA ASP C 177 -32.18 17.43 4.20
C ASP C 177 -31.53 16.15 3.69
N LEU C 178 -32.33 15.10 3.55
CA LEU C 178 -31.83 13.80 3.13
C LEU C 178 -32.29 13.43 1.73
N TYR C 179 -31.53 12.56 1.07
CA TYR C 179 -31.89 12.09 -0.25
C TYR C 179 -31.37 10.70 -0.46
N GLY C 180 -32.03 9.98 -1.38
CA GLY C 180 -31.64 8.62 -1.72
C GLY C 180 -32.14 8.39 -3.13
N PHE C 181 -31.91 7.21 -3.68
CA PHE C 181 -32.42 6.92 -5.02
C PHE C 181 -32.75 5.45 -5.21
N LEU C 182 -33.61 5.18 -6.18
CA LEU C 182 -34.05 3.83 -6.45
C LEU C 182 -33.05 2.93 -7.12
N THR C 183 -33.14 1.64 -6.82
CA THR C 183 -32.28 0.65 -7.45
C THR C 183 -33.21 -0.39 -8.02
N THR C 184 -32.66 -1.30 -8.78
CA THR C 184 -33.49 -2.32 -9.40
C THR C 184 -32.62 -3.52 -9.76
N ASP C 185 -33.23 -4.51 -10.40
CA ASP C 185 -32.48 -5.69 -10.80
C ASP C 185 -31.37 -5.29 -11.76
N PRO C 186 -30.18 -5.90 -11.60
CA PRO C 186 -29.06 -5.57 -12.48
C PRO C 186 -29.26 -6.23 -13.84
N ASN C 187 -28.72 -5.64 -14.90
CA ASN C 187 -28.87 -6.24 -16.23
C ASN C 187 -27.65 -7.12 -16.53
N ASP C 188 -27.58 -7.65 -17.73
CA ASP C 188 -26.47 -8.53 -18.09
C ASP C 188 -25.08 -7.92 -17.98
N LEU C 189 -24.99 -6.61 -18.13
CA LEU C 189 -23.71 -5.93 -18.03
C LEU C 189 -23.22 -5.87 -16.58
N VAL C 190 -24.13 -5.53 -15.67
CA VAL C 190 -23.83 -5.40 -14.23
C VAL C 190 -23.84 -6.72 -13.45
N LYS C 191 -24.86 -7.55 -13.67
CA LYS C 191 -25.01 -8.82 -12.96
C LYS C 191 -23.75 -9.69 -12.81
N PRO C 192 -22.99 -9.86 -13.91
CA PRO C 192 -21.77 -10.68 -13.83
C PRO C 192 -20.76 -10.08 -12.86
N ILE C 193 -20.87 -8.78 -12.63
CA ILE C 193 -19.97 -8.05 -11.74
C ILE C 193 -20.57 -7.84 -10.35
N HIS C 194 -21.83 -7.41 -10.32
CA HIS C 194 -22.53 -7.15 -9.08
C HIS C 194 -23.90 -7.79 -9.23
N GLU C 195 -24.20 -8.75 -8.38
CA GLU C 195 -25.47 -9.44 -8.49
C GLU C 195 -26.60 -8.81 -7.67
N LYS C 196 -26.25 -8.15 -6.58
CA LYS C 196 -27.25 -7.53 -5.71
C LYS C 196 -28.23 -6.62 -6.47
N ALA C 197 -27.71 -5.73 -7.30
CA ALA C 197 -28.59 -4.84 -8.07
C ALA C 197 -27.86 -3.71 -8.79
N MSE C 198 -28.64 -2.91 -9.53
CA MSE C 198 -28.11 -1.77 -10.25
C MSE C 198 -29.03 -0.60 -9.98
O MSE C 198 -30.19 -0.78 -9.57
CB MSE C 198 -28.03 -2.08 -11.75
CG MSE C 198 -29.29 -1.76 -12.56
SE MSE C 198 -29.11 -2.13 -14.49
CE MSE C 198 -28.11 -0.59 -15.09
N PRO C 199 -28.56 0.64 -10.19
CA PRO C 199 -29.39 1.81 -9.97
C PRO C 199 -30.35 2.11 -11.12
N VAL C 200 -31.46 2.75 -10.78
CA VAL C 200 -32.44 3.16 -11.77
C VAL C 200 -31.83 4.44 -12.33
N LEU C 201 -31.78 4.52 -13.66
CA LEU C 201 -31.18 5.68 -14.31
C LEU C 201 -32.09 6.31 -15.35
N LEU C 202 -32.14 7.63 -15.33
CA LEU C 202 -32.94 8.40 -16.27
C LEU C 202 -31.95 9.03 -17.25
N LEU C 203 -32.08 8.68 -18.52
CA LEU C 203 -31.19 9.14 -19.56
C LEU C 203 -31.71 10.30 -20.39
N THR C 204 -33.03 10.51 -20.38
CA THR C 204 -33.59 11.60 -21.16
C THR C 204 -34.36 12.62 -20.34
N ARG C 205 -34.57 13.79 -20.95
CA ARG C 205 -35.30 14.85 -20.29
C ARG C 205 -36.74 14.42 -20.09
N GLU C 206 -37.29 13.68 -21.04
CA GLU C 206 -38.66 13.20 -20.92
C GLU C 206 -38.81 12.31 -19.69
N GLU C 207 -37.80 11.50 -19.42
CA GLU C 207 -37.84 10.61 -18.27
C GLU C 207 -37.68 11.38 -16.95
N THR C 208 -36.83 12.41 -16.97
CA THR C 208 -36.61 13.22 -15.78
C THR C 208 -37.88 14.02 -15.46
N GLU C 209 -38.59 14.47 -16.51
CA GLU C 209 -39.82 15.22 -16.30
C GLU C 209 -40.93 14.32 -15.78
N ILE C 210 -41.06 13.12 -16.33
CA ILE C 210 -42.07 12.20 -15.86
C ILE C 210 -41.85 11.92 -14.38
N TRP C 211 -40.58 11.68 -14.03
CA TRP C 211 -40.19 11.38 -12.65
C TRP C 211 -40.49 12.55 -11.71
N MSE C 212 -40.35 13.78 -12.20
CA MSE C 212 -40.61 14.97 -11.41
C MSE C 212 -42.06 15.47 -11.40
O MSE C 212 -42.42 16.28 -10.56
CB MSE C 212 -39.71 16.14 -11.86
CG MSE C 212 -38.19 15.96 -11.63
SE MSE C 212 -37.68 15.98 -9.76
CE MSE C 212 -37.21 17.86 -9.54
N ARG C 213 -42.88 15.02 -12.34
CA ARG C 213 -44.25 15.50 -12.39
C ARG C 213 -45.33 14.44 -12.30
N ALA C 214 -45.07 13.26 -12.83
CA ALA C 214 -46.07 12.21 -12.82
C ALA C 214 -46.41 11.64 -11.46
N PRO C 215 -47.68 11.24 -11.26
CA PRO C 215 -48.12 10.66 -9.98
C PRO C 215 -47.42 9.30 -9.84
N TRP C 216 -47.19 8.88 -8.60
CA TRP C 216 -46.48 7.64 -8.33
C TRP C 216 -46.88 6.45 -9.20
N ASP C 217 -48.18 6.17 -9.28
CA ASP C 217 -48.67 5.05 -10.06
C ASP C 217 -48.04 4.94 -11.45
N GLU C 218 -47.78 6.09 -12.06
CA GLU C 218 -47.17 6.13 -13.38
C GLU C 218 -45.65 6.19 -13.29
N ALA C 219 -45.15 7.07 -12.43
CA ALA C 219 -43.71 7.25 -12.26
C ALA C 219 -42.93 5.99 -11.88
N LYS C 220 -43.53 5.12 -11.08
CA LYS C 220 -42.85 3.91 -10.66
C LYS C 220 -42.53 2.99 -11.83
N HIS C 221 -43.18 3.23 -12.96
CA HIS C 221 -42.96 2.41 -14.13
C HIS C 221 -41.55 2.52 -14.69
N LEU C 222 -40.90 3.67 -14.51
CA LEU C 222 -39.55 3.82 -15.01
C LEU C 222 -38.50 3.20 -14.06
N ALA C 223 -38.96 2.53 -13.00
CA ALA C 223 -38.04 1.85 -12.08
C ALA C 223 -37.76 0.47 -12.66
N ARG C 224 -36.88 0.42 -13.65
CA ARG C 224 -36.51 -0.83 -14.30
C ARG C 224 -35.08 -0.75 -14.81
N PRO C 225 -34.44 -1.90 -15.02
CA PRO C 225 -33.06 -1.88 -15.51
C PRO C 225 -32.91 -1.32 -16.91
N LEU C 226 -31.76 -0.68 -17.13
CA LEU C 226 -31.43 -0.10 -18.42
C LEU C 226 -31.03 -1.20 -19.38
N PRO C 227 -31.20 -0.96 -20.69
CA PRO C 227 -30.82 -1.96 -21.70
C PRO C 227 -29.34 -2.32 -21.53
N ASN C 228 -28.96 -3.53 -21.92
CA ASN C 228 -27.58 -3.95 -21.77
C ASN C 228 -26.59 -3.00 -22.49
N ASP C 229 -26.97 -2.49 -23.65
CA ASP C 229 -26.11 -1.59 -24.40
C ASP C 229 -26.21 -0.13 -24.01
N ALA C 230 -26.94 0.19 -22.94
CA ALA C 230 -27.09 1.58 -22.53
C ALA C 230 -25.82 2.10 -21.88
N LEU C 231 -25.16 1.25 -21.12
CA LEU C 231 -23.94 1.65 -20.43
C LEU C 231 -22.72 0.88 -20.87
N ILE C 232 -21.56 1.37 -20.43
CA ILE C 232 -20.29 0.74 -20.71
C ILE C 232 -19.48 0.71 -19.43
N ILE C 233 -18.48 -0.16 -19.39
CA ILE C 233 -17.61 -0.25 -18.23
C ILE C 233 -16.44 0.65 -18.59
N LEU C 234 -16.47 1.89 -18.12
CA LEU C 234 -15.40 2.82 -18.44
C LEU C 234 -14.06 2.47 -17.80
N SER C 235 -14.08 1.94 -16.58
CA SER C 235 -12.84 1.60 -15.91
C SER C 235 -13.01 0.69 -14.70
N ARG C 236 -11.87 0.15 -14.23
CA ARG C 236 -11.82 -0.71 -13.07
C ARG C 236 -10.75 -0.13 -12.18
N GLU C 237 -11.13 0.39 -11.02
CA GLU C 237 -10.13 0.98 -10.14
C GLU C 237 -10.15 0.29 -8.79
N PRO C 238 -9.04 0.36 -8.06
CA PRO C 238 -8.94 -0.26 -6.75
C PRO C 238 -9.74 0.52 -5.71
N TYR C 239 -9.85 -0.05 -4.51
CA TYR C 239 -10.57 0.58 -3.43
C TYR C 239 -9.82 1.85 -3.01
N GLY C 240 -10.55 2.95 -2.83
CA GLY C 240 -9.93 4.20 -2.43
C GLY C 240 -9.67 5.18 -3.56
N SER C 241 -9.62 4.66 -4.78
CA SER C 241 -9.39 5.47 -5.96
C SER C 241 -10.42 6.61 -5.96
N SER C 242 -9.93 7.86 -6.05
CA SER C 242 -10.81 9.03 -6.01
C SER C 242 -10.44 10.10 -7.05
N ILE C 243 -11.44 10.89 -7.46
CA ILE C 243 -11.20 11.97 -8.42
C ILE C 243 -11.00 13.29 -7.69
N VAL C 244 -10.90 13.23 -6.36
CA VAL C 244 -10.70 14.43 -5.55
C VAL C 244 -9.68 14.22 -4.43
#